data_2VUQ
# 
_entry.id   2VUQ 
# 
_audit_conform.dict_name       mmcif_pdbx.dic 
_audit_conform.dict_version    5.382 
_audit_conform.dict_location   http://mmcif.pdb.org/dictionaries/ascii/mmcif_pdbx.dic 
# 
loop_
_database_2.database_id 
_database_2.database_code 
_database_2.pdbx_database_accession 
_database_2.pdbx_DOI 
PDB   2VUQ         pdb_00002vuq 10.2210/pdb2vuq/pdb 
PDBE  EBI-36325    ?            ?                   
WWPDB D_1290036325 ?            ?                   
# 
_pdbx_database_status.status_code                     REL 
_pdbx_database_status.entry_id                        2VUQ 
_pdbx_database_status.deposit_site                    PDBE 
_pdbx_database_status.process_site                    PDBE 
_pdbx_database_status.SG_entry                        . 
_pdbx_database_status.recvd_initial_deposition_date   2008-05-29 
_pdbx_database_status.pdb_format_compatible           Y 
_pdbx_database_status.status_code_sf                  REL 
_pdbx_database_status.status_code_mr                  ? 
_pdbx_database_status.status_code_cs                  ? 
_pdbx_database_status.methods_development_category    ? 
_pdbx_database_status.status_code_nmr_data            ? 
# 
loop_
_audit_author.name 
_audit_author.pdbx_ordinal 
'Eichert, A.'   1 
'Perbandt, M.'  2 
'Schreiber, A.' 3 
'Fuerste, J.P.' 4 
'Betzel, C.'    5 
'Erdmann, V.A.' 6 
'Foerster, C.'  7 
# 
_citation.id                        primary 
_citation.title                     'Crystal Structure of the Human Trnagly Microhelix Isoacceptor G9990 at 1.18 A Resolution' 
_citation.journal_abbrev            Biochem.Biophys.Res.Commun. 
_citation.journal_volume            380 
_citation.page_first                503 
_citation.page_last                 ? 
_citation.year                      2009 
_citation.journal_id_ASTM           BBRCA9 
_citation.country                   US 
_citation.journal_id_ISSN           0006-291X 
_citation.journal_id_CSD            0146 
_citation.book_publisher            ? 
_citation.pdbx_database_id_PubMed   19284994 
_citation.pdbx_database_id_DOI      10.1016/J.BBRC.2009.01.127 
# 
loop_
_citation_author.citation_id 
_citation_author.name 
_citation_author.ordinal 
_citation_author.identifier_ORCID 
primary 'Eichert, A.'   1 ? 
primary 'Perbandt, M.'  2 ? 
primary 'Schreiber, A.' 3 ? 
primary 'Fuerste, J.P.' 4 ? 
primary 'Betzel, C.'    5 ? 
primary 'Erdmann, V.A.' 6 ? 
primary 'Foerster, C.'  7 ? 
# 
_cell.entry_id           2VUQ 
_cell.length_a           37.318 
_cell.length_b           37.613 
_cell.length_c           30.465 
_cell.angle_alpha        90.00 
_cell.angle_beta         112.60 
_cell.angle_gamma        90.00 
_cell.Z_PDB              4 
_cell.pdbx_unique_axis   ? 
# 
_symmetry.entry_id                         2VUQ 
_symmetry.space_group_name_H-M             'C 1 2 1' 
_symmetry.pdbx_full_space_group_name_H-M   ? 
_symmetry.cell_setting                     ? 
_symmetry.Int_Tables_number                5 
# 
loop_
_entity.id 
_entity.type 
_entity.src_method 
_entity.pdbx_description 
_entity.formula_weight 
_entity.pdbx_number_of_molecules 
_entity.pdbx_ec 
_entity.pdbx_mutation 
_entity.pdbx_fragment 
_entity.details 
1 polymer syn "5'-R(*GP*CP*AP*UP*UP*GP*GP)-3'" 2237.379 1  ? ? ? ? 
2 polymer syn "5'-R(*CP*CP*AP*AP*UP*GP*CP)-3'" 2180.371 1  ? ? ? ? 
3 water   nat water                            18.015   48 ? ? ? ? 
# 
loop_
_entity_name_com.entity_id 
_entity_name_com.name 
1 'HUMAN TRNAGLY MICROHELIX G9990' 
2 'HUMAN TRNAGLY MICROHELIX G9990' 
# 
loop_
_entity_poly.entity_id 
_entity_poly.type 
_entity_poly.nstd_linkage 
_entity_poly.nstd_monomer 
_entity_poly.pdbx_seq_one_letter_code 
_entity_poly.pdbx_seq_one_letter_code_can 
_entity_poly.pdbx_strand_id 
_entity_poly.pdbx_target_identifier 
1 polyribonucleotide no no GCAUUGG GCAUUGG A ? 
2 polyribonucleotide no no CCAAUGC CCAAUGC B ? 
# 
loop_
_entity_poly_seq.entity_id 
_entity_poly_seq.num 
_entity_poly_seq.mon_id 
_entity_poly_seq.hetero 
1 1 G n 
1 2 C n 
1 3 A n 
1 4 U n 
1 5 U n 
1 6 G n 
1 7 G n 
2 1 C n 
2 2 C n 
2 3 A n 
2 4 A n 
2 5 U n 
2 6 G n 
2 7 C n 
# 
loop_
_pdbx_entity_src_syn.entity_id 
_pdbx_entity_src_syn.pdbx_src_id 
_pdbx_entity_src_syn.pdbx_alt_source_flag 
_pdbx_entity_src_syn.pdbx_beg_seq_num 
_pdbx_entity_src_syn.pdbx_end_seq_num 
_pdbx_entity_src_syn.organism_scientific 
_pdbx_entity_src_syn.organism_common_name 
_pdbx_entity_src_syn.ncbi_taxonomy_id 
_pdbx_entity_src_syn.details 
1 1 sample ? ? 'HOMO SAPIENS' HUMAN 9606 ? 
2 1 sample ? ? 'HOMO SAPIENS' HUMAN 9606 ? 
# 
loop_
_struct_ref.id 
_struct_ref.db_name 
_struct_ref.db_code 
_struct_ref.entity_id 
_struct_ref.pdbx_seq_one_letter_code 
_struct_ref.pdbx_align_begin 
_struct_ref.pdbx_db_accession 
_struct_ref.pdbx_db_isoform 
1 PDB 2VUQ 1 ? ? 2VUQ ? 
2 PDB 2VUQ 2 ? ? 2VUQ ? 
# 
loop_
_struct_ref_seq.align_id 
_struct_ref_seq.ref_id 
_struct_ref_seq.pdbx_PDB_id_code 
_struct_ref_seq.pdbx_strand_id 
_struct_ref_seq.seq_align_beg 
_struct_ref_seq.pdbx_seq_align_beg_ins_code 
_struct_ref_seq.seq_align_end 
_struct_ref_seq.pdbx_seq_align_end_ins_code 
_struct_ref_seq.pdbx_db_accession 
_struct_ref_seq.db_align_beg 
_struct_ref_seq.pdbx_db_align_beg_ins_code 
_struct_ref_seq.db_align_end 
_struct_ref_seq.pdbx_db_align_end_ins_code 
_struct_ref_seq.pdbx_auth_seq_align_beg 
_struct_ref_seq.pdbx_auth_seq_align_end 
1 1 2VUQ A 1 ? 7 ? 2VUQ 1  ? 7  ? 1  7  
2 2 2VUQ B 1 ? 7 ? 2VUQ 66 ? 72 ? 66 72 
# 
loop_
_chem_comp.id 
_chem_comp.type 
_chem_comp.mon_nstd_flag 
_chem_comp.name 
_chem_comp.pdbx_synonyms 
_chem_comp.formula 
_chem_comp.formula_weight 
A   'RNA linking' y "ADENOSINE-5'-MONOPHOSPHATE" ? 'C10 H14 N5 O7 P' 347.221 
C   'RNA linking' y "CYTIDINE-5'-MONOPHOSPHATE"  ? 'C9 H14 N3 O8 P'  323.197 
G   'RNA linking' y "GUANOSINE-5'-MONOPHOSPHATE" ? 'C10 H14 N5 O8 P' 363.221 
HOH non-polymer   . WATER                        ? 'H2 O'            18.015  
U   'RNA linking' y "URIDINE-5'-MONOPHOSPHATE"   ? 'C9 H13 N2 O9 P'  324.181 
# 
_exptl.entry_id          2VUQ 
_exptl.method            'X-RAY DIFFRACTION' 
_exptl.crystals_number   1 
# 
_exptl_crystal.id                    1 
_exptl_crystal.density_meas          ? 
_exptl_crystal.density_Matthews      2.07 
_exptl_crystal.density_percent_sol   40.21 
_exptl_crystal.description           NONE 
# 
_exptl_crystal_grow.crystal_id      1 
_exptl_crystal_grow.method          ? 
_exptl_crystal_grow.temp            294 
_exptl_crystal_grow.temp_details    ? 
_exptl_crystal_grow.pH              6.0 
_exptl_crystal_grow.pdbx_pH_range   ? 
_exptl_crystal_grow.pdbx_details    
;10% (V/V) MPD, 40 MM SODIUM CACODYLATE, PH 6.0, 12 MM SPERMINE TETRACHLORIDE, 80 MM POTASSIUM CHLORIDE, EQUILIBRATED AGAINST 35 % (V/V) MPD AT 294 K.
;
# 
_diffrn.id                     1 
_diffrn.ambient_temp           100 
_diffrn.ambient_temp_details   ? 
_diffrn.crystal_id             1 
# 
_diffrn_detector.diffrn_id              1 
_diffrn_detector.detector               CCD 
_diffrn_detector.type                   'ADSC CCD' 
_diffrn_detector.pdbx_collection_date   2008-04-21 
_diffrn_detector.details                ? 
# 
_diffrn_radiation.diffrn_id                        1 
_diffrn_radiation.wavelength_id                    1 
_diffrn_radiation.pdbx_monochromatic_or_laue_m_l   M 
_diffrn_radiation.monochromator                    ? 
_diffrn_radiation.pdbx_diffrn_protocol             'SINGLE WAVELENGTH' 
_diffrn_radiation.pdbx_scattering_type             x-ray 
# 
_diffrn_radiation_wavelength.id           1 
_diffrn_radiation_wavelength.wavelength   0.9696 
_diffrn_radiation_wavelength.wt           1.0 
# 
_diffrn_source.diffrn_id                   1 
_diffrn_source.source                      SYNCHROTRON 
_diffrn_source.type                        'DIAMOND BEAMLINE I04' 
_diffrn_source.pdbx_synchrotron_site       Diamond 
_diffrn_source.pdbx_synchrotron_beamline   I04 
_diffrn_source.pdbx_wavelength             0.9696 
_diffrn_source.pdbx_wavelength_list        ? 
# 
_reflns.pdbx_diffrn_id               1 
_reflns.pdbx_ordinal                 1 
_reflns.entry_id                     2VUQ 
_reflns.observed_criterion_sigma_I   2.0 
_reflns.observed_criterion_sigma_F   ? 
_reflns.d_resolution_low             50.00 
_reflns.d_resolution_high            1.18 
_reflns.number_obs                   12058 
_reflns.number_all                   ? 
_reflns.percent_possible_obs         94.0 
_reflns.pdbx_Rmerge_I_obs            0.08 
_reflns.pdbx_Rsym_value              ? 
_reflns.pdbx_netI_over_sigmaI        22.90 
_reflns.B_iso_Wilson_estimate        ? 
_reflns.pdbx_redundancy              11.1 
# 
_reflns_shell.pdbx_diffrn_id         1 
_reflns_shell.pdbx_ordinal           1 
_reflns_shell.d_res_high             1.18 
_reflns_shell.d_res_low              1.22 
_reflns_shell.percent_possible_all   87.0 
_reflns_shell.Rmerge_I_obs           0.21 
_reflns_shell.pdbx_Rsym_value        ? 
_reflns_shell.meanI_over_sigI_obs    1.80 
_reflns_shell.pdbx_redundancy        7.5 
# 
_refine.pdbx_refine_id                           'X-RAY DIFFRACTION' 
_refine.entry_id                                 2VUQ 
_refine.pdbx_diffrn_id                           1 
_refine.pdbx_TLS_residual_ADP_flag               ? 
_refine.ls_number_reflns_obs                     11449 
_refine.ls_number_reflns_all                     ? 
_refine.pdbx_ls_sigma_I                          ? 
_refine.pdbx_ls_sigma_F                          . 
_refine.pdbx_data_cutoff_high_absF               ? 
_refine.pdbx_data_cutoff_low_absF                ? 
_refine.pdbx_data_cutoff_high_rms_absF           ? 
_refine.ls_d_res_low                             22.25 
_refine.ls_d_res_high                            1.18 
_refine.ls_percent_reflns_obs                    93.75 
_refine.ls_R_factor_obs                          0.20520 
_refine.ls_R_factor_all                          ? 
_refine.ls_R_factor_R_work                       0.20405 
_refine.ls_R_factor_R_free                       0.22806 
_refine.ls_R_factor_R_free_error                 ? 
_refine.ls_R_factor_R_free_error_details         ? 
_refine.ls_percent_reflns_R_free                 5.0 
_refine.ls_number_reflns_R_free                  601 
_refine.ls_number_parameters                     ? 
_refine.ls_number_restraints                     ? 
_refine.occupancy_min                            ? 
_refine.occupancy_max                            ? 
_refine.correlation_coeff_Fo_to_Fc               0.929 
_refine.correlation_coeff_Fo_to_Fc_free          0.930 
_refine.B_iso_mean                               11.020 
_refine.aniso_B[1][1]                            -0.02 
_refine.aniso_B[2][2]                            0.07 
_refine.aniso_B[3][3]                            -0.05 
_refine.aniso_B[1][2]                            0.00 
_refine.aniso_B[1][3]                            -0.01 
_refine.aniso_B[2][3]                            0.00 
_refine.solvent_model_details                    NONE 
_refine.solvent_model_param_ksol                 ? 
_refine.solvent_model_param_bsol                 ? 
_refine.pdbx_solvent_vdw_probe_radii             ? 
_refine.pdbx_solvent_ion_probe_radii             ? 
_refine.pdbx_solvent_shrinkage_radii             ? 
_refine.pdbx_ls_cross_valid_method               THROUGHOUT 
_refine.details                                  'HYDROGENS HAVE BEEN ADDED IN THE RIDING POSITIONS.' 
_refine.pdbx_starting_model                      'PDB ENTRY 2V7R' 
_refine.pdbx_method_to_determine_struct          'MOLECULAR REPLACEMENT' 
_refine.pdbx_isotropic_thermal_model             ? 
_refine.pdbx_stereochemistry_target_values       'MAXIMUM LIKELIHOOD' 
_refine.pdbx_stereochem_target_val_spec_case     ? 
_refine.pdbx_R_Free_selection_details            RANDOM 
_refine.pdbx_overall_ESU_R                       0.050 
_refine.pdbx_overall_ESU_R_Free                  0.048 
_refine.overall_SU_ML                            0.023 
_refine.pdbx_overall_phase_error                 ? 
_refine.overall_SU_B                             1.048 
_refine.overall_SU_R_Cruickshank_DPI             ? 
_refine.pdbx_overall_SU_R_free_Cruickshank_DPI   ? 
_refine.pdbx_overall_SU_R_Blow_DPI               ? 
_refine.pdbx_overall_SU_R_free_Blow_DPI          ? 
# 
_refine_hist.pdbx_refine_id                   'X-RAY DIFFRACTION' 
_refine_hist.cycle_id                         LAST 
_refine_hist.pdbx_number_atoms_protein        0 
_refine_hist.pdbx_number_atoms_nucleic_acid   292 
_refine_hist.pdbx_number_atoms_ligand         0 
_refine_hist.number_atoms_solvent             48 
_refine_hist.number_atoms_total               340 
_refine_hist.d_res_high                       1.18 
_refine_hist.d_res_low                        22.25 
# 
loop_
_refine_ls_restr.type 
_refine_ls_restr.dev_ideal 
_refine_ls_restr.dev_ideal_target 
_refine_ls_restr.weight 
_refine_ls_restr.number 
_refine_ls_restr.pdbx_refine_id 
_refine_ls_restr.pdbx_restraint_function 
r_bond_refined_d             0.008 0.021 ? 325 'X-RAY DIFFRACTION' ? 
r_bond_other_d               ?     ?     ? ?   'X-RAY DIFFRACTION' ? 
r_angle_refined_deg          1.627 3.000 ? 503 'X-RAY DIFFRACTION' ? 
r_angle_other_deg            ?     ?     ? ?   'X-RAY DIFFRACTION' ? 
r_dihedral_angle_1_deg       ?     ?     ? ?   'X-RAY DIFFRACTION' ? 
r_dihedral_angle_2_deg       ?     ?     ? ?   'X-RAY DIFFRACTION' ? 
r_dihedral_angle_3_deg       ?     ?     ? ?   'X-RAY DIFFRACTION' ? 
r_dihedral_angle_4_deg       ?     ?     ? ?   'X-RAY DIFFRACTION' ? 
r_chiral_restr               0.056 0.200 ? 56  'X-RAY DIFFRACTION' ? 
r_gen_planes_refined         0.012 0.020 ? 144 'X-RAY DIFFRACTION' ? 
r_gen_planes_other           ?     ?     ? ?   'X-RAY DIFFRACTION' ? 
r_nbd_refined                0.162 0.200 ? 109 'X-RAY DIFFRACTION' ? 
r_nbd_other                  ?     ?     ? ?   'X-RAY DIFFRACTION' ? 
r_nbtor_refined              0.273 0.200 ? 217 'X-RAY DIFFRACTION' ? 
r_nbtor_other                ?     ?     ? ?   'X-RAY DIFFRACTION' ? 
r_xyhbond_nbd_refined        0.119 0.200 ? 32  'X-RAY DIFFRACTION' ? 
r_xyhbond_nbd_other          ?     ?     ? ?   'X-RAY DIFFRACTION' ? 
r_metal_ion_refined          ?     ?     ? ?   'X-RAY DIFFRACTION' ? 
r_metal_ion_other            ?     ?     ? ?   'X-RAY DIFFRACTION' ? 
r_symmetry_vdw_refined       0.112 0.200 ? 32  'X-RAY DIFFRACTION' ? 
r_symmetry_vdw_other         ?     ?     ? ?   'X-RAY DIFFRACTION' ? 
r_symmetry_hbond_refined     0.067 0.200 ? 13  'X-RAY DIFFRACTION' ? 
r_symmetry_hbond_other       ?     ?     ? ?   'X-RAY DIFFRACTION' ? 
r_symmetry_metal_ion_refined ?     ?     ? ?   'X-RAY DIFFRACTION' ? 
r_symmetry_metal_ion_other   ?     ?     ? ?   'X-RAY DIFFRACTION' ? 
r_mcbond_it                  ?     ?     ? ?   'X-RAY DIFFRACTION' ? 
r_mcbond_other               ?     ?     ? ?   'X-RAY DIFFRACTION' ? 
r_mcangle_it                 ?     ?     ? ?   'X-RAY DIFFRACTION' ? 
r_mcangle_other              ?     ?     ? ?   'X-RAY DIFFRACTION' ? 
r_scbond_it                  1.892 3.000 ? 461 'X-RAY DIFFRACTION' ? 
r_scbond_other               ?     ?     ? ?   'X-RAY DIFFRACTION' ? 
r_scangle_it                 2.290 4.500 ? 503 'X-RAY DIFFRACTION' ? 
r_scangle_other              ?     ?     ? ?   'X-RAY DIFFRACTION' ? 
r_long_range_B_refined       ?     ?     ? ?   'X-RAY DIFFRACTION' ? 
r_long_range_B_other         ?     ?     ? ?   'X-RAY DIFFRACTION' ? 
r_rigid_bond_restr           ?     ?     ? ?   'X-RAY DIFFRACTION' ? 
r_sphericity_free            ?     ?     ? ?   'X-RAY DIFFRACTION' ? 
r_sphericity_bonded          ?     ?     ? ?   'X-RAY DIFFRACTION' ? 
# 
_refine_ls_shell.pdbx_refine_id                   'X-RAY DIFFRACTION' 
_refine_ls_shell.pdbx_total_number_of_bins_used   20 
_refine_ls_shell.d_res_high                       1.181 
_refine_ls_shell.d_res_low                        1.212 
_refine_ls_shell.number_reflns_R_work             804 
_refine_ls_shell.R_factor_R_work                  0.232 
_refine_ls_shell.percent_reflns_obs               88.78 
_refine_ls_shell.R_factor_R_free                  0.272 
_refine_ls_shell.R_factor_R_free_error            ? 
_refine_ls_shell.percent_reflns_R_free            ? 
_refine_ls_shell.number_reflns_R_free             43 
_refine_ls_shell.number_reflns_all                ? 
_refine_ls_shell.R_factor_all                     ? 
# 
_struct.entry_id                  2VUQ 
_struct.title                     
'Crystal structure of a human tRNAGly acceptor stem microhelix (derived from the gene sequence DG9990) at 1.18 Angstroem resolution' 
_struct.pdbx_model_details        ? 
_struct.pdbx_CASP_flag            ? 
_struct.pdbx_model_type_details   ? 
# 
_struct_keywords.entry_id        2VUQ 
_struct_keywords.pdbx_keywords   RNA 
_struct_keywords.text            
;CLASS II AMINOACYL-TRNA / SYNTHETASE SYSTEM, RNA, TRNA IDENTITY ELEMENTS, GLYCYL-TRNA-SYNTHETASE (GLYRS), ISOACCEPTORS, HUMAN TRNAGLY, AMINOACYL-TRNA-STEM
;
# 
loop_
_struct_asym.id 
_struct_asym.pdbx_blank_PDB_chainid_flag 
_struct_asym.pdbx_modified 
_struct_asym.entity_id 
_struct_asym.details 
A N N 1 ? 
B N N 2 ? 
C N N 3 ? 
D N N 3 ? 
# 
_struct_biol.id   1 
# 
loop_
_struct_conn.id 
_struct_conn.conn_type_id 
_struct_conn.pdbx_leaving_atom_flag 
_struct_conn.pdbx_PDB_id 
_struct_conn.ptnr1_label_asym_id 
_struct_conn.ptnr1_label_comp_id 
_struct_conn.ptnr1_label_seq_id 
_struct_conn.ptnr1_label_atom_id 
_struct_conn.pdbx_ptnr1_label_alt_id 
_struct_conn.pdbx_ptnr1_PDB_ins_code 
_struct_conn.pdbx_ptnr1_standard_comp_id 
_struct_conn.ptnr1_symmetry 
_struct_conn.ptnr2_label_asym_id 
_struct_conn.ptnr2_label_comp_id 
_struct_conn.ptnr2_label_seq_id 
_struct_conn.ptnr2_label_atom_id 
_struct_conn.pdbx_ptnr2_label_alt_id 
_struct_conn.pdbx_ptnr2_PDB_ins_code 
_struct_conn.ptnr1_auth_asym_id 
_struct_conn.ptnr1_auth_comp_id 
_struct_conn.ptnr1_auth_seq_id 
_struct_conn.ptnr2_auth_asym_id 
_struct_conn.ptnr2_auth_comp_id 
_struct_conn.ptnr2_auth_seq_id 
_struct_conn.ptnr2_symmetry 
_struct_conn.pdbx_ptnr3_label_atom_id 
_struct_conn.pdbx_ptnr3_label_seq_id 
_struct_conn.pdbx_ptnr3_label_comp_id 
_struct_conn.pdbx_ptnr3_label_asym_id 
_struct_conn.pdbx_ptnr3_label_alt_id 
_struct_conn.pdbx_ptnr3_PDB_ins_code 
_struct_conn.details 
_struct_conn.pdbx_dist_value 
_struct_conn.pdbx_value_order 
_struct_conn.pdbx_role 
hydrog1  hydrog ? ? A G 1 N1 ? ? ? 1_555 B C 7 N3 ? ? A G 1 B C 72 1_555 ? ? ? ? ? ? WATSON-CRICK ? ? ? 
hydrog2  hydrog ? ? A G 1 N2 ? ? ? 1_555 B C 7 O2 ? ? A G 1 B C 72 1_555 ? ? ? ? ? ? WATSON-CRICK ? ? ? 
hydrog3  hydrog ? ? A G 1 O6 ? ? ? 1_555 B C 7 N4 ? ? A G 1 B C 72 1_555 ? ? ? ? ? ? WATSON-CRICK ? ? ? 
hydrog4  hydrog ? ? A C 2 N3 ? ? ? 1_555 B G 6 N1 ? ? A C 2 B G 71 1_555 ? ? ? ? ? ? WATSON-CRICK ? ? ? 
hydrog5  hydrog ? ? A C 2 N4 ? ? ? 1_555 B G 6 O6 ? ? A C 2 B G 71 1_555 ? ? ? ? ? ? WATSON-CRICK ? ? ? 
hydrog6  hydrog ? ? A C 2 O2 ? ? ? 1_555 B G 6 N2 ? ? A C 2 B G 71 1_555 ? ? ? ? ? ? WATSON-CRICK ? ? ? 
hydrog7  hydrog ? ? A A 3 N1 ? ? ? 1_555 B U 5 N3 ? ? A A 3 B U 70 1_555 ? ? ? ? ? ? WATSON-CRICK ? ? ? 
hydrog8  hydrog ? ? A A 3 N6 ? ? ? 1_555 B U 5 O4 ? ? A A 3 B U 70 1_555 ? ? ? ? ? ? WATSON-CRICK ? ? ? 
hydrog9  hydrog ? ? A U 4 N3 ? ? ? 1_555 B A 4 N1 ? ? A U 4 B A 69 1_555 ? ? ? ? ? ? WATSON-CRICK ? ? ? 
hydrog10 hydrog ? ? A U 4 O4 ? ? ? 1_555 B A 4 N6 ? ? A U 4 B A 69 1_555 ? ? ? ? ? ? WATSON-CRICK ? ? ? 
hydrog11 hydrog ? ? A U 5 N3 ? ? ? 1_555 B A 3 N1 ? ? A U 5 B A 68 1_555 ? ? ? ? ? ? WATSON-CRICK ? ? ? 
hydrog12 hydrog ? ? A U 5 O4 ? ? ? 1_555 B A 3 N6 ? ? A U 5 B A 68 1_555 ? ? ? ? ? ? WATSON-CRICK ? ? ? 
hydrog13 hydrog ? ? A G 6 N1 ? ? ? 1_555 B C 2 N3 ? ? A G 6 B C 67 1_555 ? ? ? ? ? ? WATSON-CRICK ? ? ? 
hydrog14 hydrog ? ? A G 6 N2 ? ? ? 1_555 B C 2 O2 ? ? A G 6 B C 67 1_555 ? ? ? ? ? ? WATSON-CRICK ? ? ? 
hydrog15 hydrog ? ? A G 6 O6 ? ? ? 1_555 B C 2 N4 ? ? A G 6 B C 67 1_555 ? ? ? ? ? ? WATSON-CRICK ? ? ? 
hydrog16 hydrog ? ? A G 7 N1 ? ? ? 1_555 B C 1 N3 ? ? A G 7 B C 66 1_555 ? ? ? ? ? ? WATSON-CRICK ? ? ? 
hydrog17 hydrog ? ? A G 7 N2 ? ? ? 1_555 B C 1 O2 ? ? A G 7 B C 66 1_555 ? ? ? ? ? ? WATSON-CRICK ? ? ? 
hydrog18 hydrog ? ? A G 7 O6 ? ? ? 1_555 B C 1 N4 ? ? A G 7 B C 66 1_555 ? ? ? ? ? ? WATSON-CRICK ? ? ? 
# 
_struct_conn_type.id          hydrog 
_struct_conn_type.criteria    ? 
_struct_conn_type.reference   ? 
# 
_atom_sites.entry_id                    2VUQ 
_atom_sites.fract_transf_matrix[1][1]   -0.01536304 
_atom_sites.fract_transf_matrix[1][2]   0.01307470 
_atom_sites.fract_transf_matrix[1][3]   -0.02086912 
_atom_sites.fract_transf_matrix[2][1]   -0.02234607 
_atom_sites.fract_transf_matrix[2][2]   -0.01047863 
_atom_sites.fract_transf_matrix[2][3]   0.00988536 
_atom_sites.fract_transf_matrix[3][1]   -0.01103577 
_atom_sites.fract_transf_matrix[3][2]   0.03245057 
_atom_sites.fract_transf_matrix[3][3]   0.00945148 
_atom_sites.fract_transf_vector[1]      0.324472 
_atom_sites.fract_transf_vector[2]      0.210898 
_atom_sites.fract_transf_vector[3]      0.119963 
# 
loop_
_atom_type.symbol 
C 
N 
O 
P 
# 
loop_
_atom_site.group_PDB 
_atom_site.id 
_atom_site.type_symbol 
_atom_site.label_atom_id 
_atom_site.label_alt_id 
_atom_site.label_comp_id 
_atom_site.label_asym_id 
_atom_site.label_entity_id 
_atom_site.label_seq_id 
_atom_site.pdbx_PDB_ins_code 
_atom_site.Cartn_x 
_atom_site.Cartn_y 
_atom_site.Cartn_z 
_atom_site.occupancy 
_atom_site.B_iso_or_equiv 
_atom_site.pdbx_formal_charge 
_atom_site.auth_seq_id 
_atom_site.auth_comp_id 
_atom_site.auth_asym_id 
_atom_site.auth_atom_id 
_atom_site.pdbx_PDB_model_num 
ATOM   1   O "O5'" . G   A 1 1 ? -3.283  8.586   7.944   1.00 17.02 ? 1    G   A "O5'" 1 
ATOM   2   C "C5'" . G   A 1 1 ? -4.131  8.456   9.071   1.00 14.06 ? 1    G   A "C5'" 1 
ATOM   3   C "C4'" . G   A 1 1 ? -5.489  7.905   8.660   1.00 12.54 ? 1    G   A "C4'" 1 
ATOM   4   O "O4'" . G   A 1 1 ? -6.085  8.711   7.612   1.00 12.07 ? 1    G   A "O4'" 1 
ATOM   5   C "C3'" . G   A 1 1 ? -5.482  6.503   8.050   1.00 11.92 ? 1    G   A "C3'" 1 
ATOM   6   O "O3'" . G   A 1 1 ? -5.437  5.532   9.091   1.00 11.98 ? 1    G   A "O3'" 1 
ATOM   7   C "C2'" . G   A 1 1 ? -6.805  6.490   7.297   1.00 10.84 ? 1    G   A "C2'" 1 
ATOM   8   O "O2'" . G   A 1 1 ? -7.899  6.396   8.185   1.00 11.78 ? 1    G   A "O2'" 1 
ATOM   9   C "C1'" . G   A 1 1 ? -6.771  7.882   6.688   1.00 12.14 ? 1    G   A "C1'" 1 
ATOM   10  N N9    . G   A 1 1 ? -6.136  7.931   5.372   1.00 12.29 ? 1    G   A N9    1 
ATOM   11  C C8    . G   A 1 1 ? -4.950  8.522   5.000   1.00 13.18 ? 1    G   A C8    1 
ATOM   12  N N7    . G   A 1 1 ? -4.671  8.389   3.725   1.00 13.78 ? 1    G   A N7    1 
ATOM   13  C C5    . G   A 1 1 ? -5.760  7.661   3.223   1.00 12.33 ? 1    G   A C5    1 
ATOM   14  C C6    . G   A 1 1 ? -6.018  7.224   1.903   1.00 13.57 ? 1    G   A C6    1 
ATOM   15  O O6    . G   A 1 1 ? -5.308  7.402   0.905   1.00 14.24 ? 1    G   A O6    1 
ATOM   16  N N1    . G   A 1 1 ? -7.214  6.519   1.794   1.00 13.54 ? 1    G   A N1    1 
ATOM   17  C C2    . G   A 1 1 ? -8.051  6.286   2.860   1.00 13.01 ? 1    G   A C2    1 
ATOM   18  N N2    . G   A 1 1 ? -9.144  5.578   2.528   1.00 11.89 ? 1    G   A N2    1 
ATOM   19  N N3    . G   A 1 1 ? -7.836  6.719   4.124   1.00 11.64 ? 1    G   A N3    1 
ATOM   20  C C4    . G   A 1 1 ? -6.662  7.388   4.228   1.00 11.54 ? 1    G   A C4    1 
ATOM   21  P P     . C   A 1 2 ? -4.780  4.091   8.845   1.00 13.77 ? 2    C   A P     1 
ATOM   22  O OP1   . C   A 1 2 ? -4.724  3.436   10.170  1.00 15.43 ? 2    C   A OP1   1 
ATOM   23  O OP2   . C   A 1 2 ? -3.543  4.230   8.048   1.00 15.28 ? 2    C   A OP2   1 
ATOM   24  O "O5'" . C   A 1 2 ? -5.836  3.337   7.908   1.00 11.43 ? 2    C   A "O5'" 1 
ATOM   25  C "C5'" . C   A 1 2 ? -7.141  3.045   8.390   1.00 11.58 ? 2    C   A "C5'" 1 
ATOM   26  C "C4'" . C   A 1 2 ? -7.983  2.508   7.249   1.00 9.55  ? 2    C   A "C4'" 1 
ATOM   27  O "O4'" . C   A 1 2 ? -8.059  3.482   6.183   1.00 9.02  ? 2    C   A "O4'" 1 
ATOM   28  C "C3'" . C   A 1 2 ? -7.412  1.299   6.530   1.00 9.40  ? 2    C   A "C3'" 1 
ATOM   29  O "O3'" . C   A 1 2 ? -7.673  0.140   7.307   1.00 9.39  ? 2    C   A "O3'" 1 
ATOM   30  C "C2'" . C   A 1 2 ? -8.171  1.321   5.217   1.00 8.63  ? 2    C   A "C2'" 1 
ATOM   31  O "O2'" . C   A 1 2 ? -9.512  0.902   5.377   1.00 9.53  ? 2    C   A "O2'" 1 
ATOM   32  C "C1'" . C   A 1 2 ? -8.095  2.803   4.936   1.00 8.33  ? 2    C   A "C1'" 1 
ATOM   33  N N1    . C   A 1 2 ? -6.931  3.234   4.107   1.00 7.96  ? 2    C   A N1    1 
ATOM   34  C C2    . C   A 1 2 ? -7.003  3.025   2.728   1.00 7.36  ? 2    C   A C2    1 
ATOM   35  O O2    . C   A 1 2 ? -7.969  2.424   2.252   1.00 7.72  ? 2    C   A O2    1 
ATOM   36  N N3    . C   A 1 2 ? -5.982  3.463   1.954   1.00 7.41  ? 2    C   A N3    1 
ATOM   37  C C4    . C   A 1 2 ? -4.928  4.102   2.479   1.00 7.89  ? 2    C   A C4    1 
ATOM   38  N N4    . C   A 1 2 ? -3.957  4.519   1.650   1.00 9.13  ? 2    C   A N4    1 
ATOM   39  C C5    . C   A 1 2 ? -4.857  4.327   3.888   1.00 9.24  ? 2    C   A C5    1 
ATOM   40  C C6    . C   A 1 2 ? -5.863  3.888   4.655   1.00 8.86  ? 2    C   A C6    1 
ATOM   41  P P     . A   A 1 3 ? -6.690  -1.120  7.211   1.00 10.26 ? 3    A   A P     1 
ATOM   42  O OP1   . A   A 1 3 ? -7.117  -2.039  8.292   1.00 11.81 ? 3    A   A OP1   1 
ATOM   43  O OP2   . A   A 1 3 ? -5.297  -0.632  7.150   1.00 11.95 ? 3    A   A OP2   1 
ATOM   44  O "O5'" . A   A 1 3 ? -6.976  -1.755  5.775   1.00 8.32  ? 3    A   A "O5'" 1 
ATOM   45  C "C5'" . A   A 1 3 ? -8.218  -2.386  5.519   1.00 7.76  ? 3    A   A "C5'" 1 
ATOM   46  C "C4'" . A   A 1 3 ? -8.252  -2.860  4.093   1.00 8.23  ? 3    A   A "C4'" 1 
ATOM   47  O "O4'" . A   A 1 3 ? -8.212  -1.698  3.237   1.00 7.26  ? 3    A   A "O4'" 1 
ATOM   48  C "C3'" . A   A 1 3 ? -7.054  -3.667  3.606   1.00 8.05  ? 3    A   A "C3'" 1 
ATOM   49  O "O3'" . A   A 1 3 ? -7.150  -5.019  4.028   1.00 8.67  ? 3    A   A "O3'" 1 
ATOM   50  C "C2'" . A   A 1 3 ? -7.224  -3.519  2.100   1.00 8.45  ? 3    A   A "C2'" 1 
ATOM   51  O "O2'" . A   A 1 3 ? -8.344  -4.249  1.628   1.00 10.14 ? 3    A   A "O2'" 1 
ATOM   52  C "C1'" . A   A 1 3 ? -7.497  -2.032  2.053   1.00 8.13  ? 3    A   A "C1'" 1 
ATOM   53  N N9    . A   A 1 3 ? -6.330  -1.158  1.982   1.00 7.50  ? 3    A   A N9    1 
ATOM   54  C C8    . A   A 1 3 ? -5.756  -0.453  2.997   1.00 8.51  ? 3    A   A C8    1 
ATOM   55  N N7    . A   A 1 3 ? -4.745  0.285   2.612   1.00 7.52  ? 3    A   A N7    1 
ATOM   56  C C5    . A   A 1 3 ? -4.651  0.055   1.251   1.00 7.87  ? 3    A   A C5    1 
ATOM   57  C C6    . A   A 1 3 ? -3.789  0.543   0.246   1.00 8.06  ? 3    A   A C6    1 
ATOM   58  N N6    . A   A 1 3 ? -2.822  1.441   0.475   1.00 8.15  ? 3    A   A N6    1 
ATOM   59  N N1    . A   A 1 3 ? -3.989  0.104   -1.019  1.00 8.42  ? 3    A   A N1    1 
ATOM   60  C C2    . A   A 1 3 ? -4.977  -0.779  -1.252  1.00 8.65  ? 3    A   A C2    1 
ATOM   61  N N3    . A   A 1 3 ? -5.857  -1.301  -0.394  1.00 8.10  ? 3    A   A N3    1 
ATOM   62  C C4    . A   A 1 3 ? -5.631  -0.832  0.846   1.00 7.43  ? 3    A   A C4    1 
ATOM   63  P P     . U   A 1 4 ? -5.828  -5.839  4.402   1.00 8.70  ? 4    U   A P     1 
ATOM   64  O OP1   . U   A 1 4 ? -6.359  -7.032  5.109   1.00 9.46  ? 4    U   A OP1   1 
ATOM   65  O OP2   . U   A 1 4 ? -4.833  -4.975  5.065   1.00 10.13 ? 4    U   A OP2   1 
ATOM   66  O "O5'" . U   A 1 4 ? -5.168  -6.229  3.005   1.00 7.97  ? 4    U   A "O5'" 1 
ATOM   67  C "C5'" . U   A 1 4 ? -5.814  -7.113  2.120   1.00 7.94  ? 4    U   A "C5'" 1 
ATOM   68  C "C4'" . U   A 1 4 ? -5.280  -6.898  0.715   1.00 8.06  ? 4    U   A "C4'" 1 
ATOM   69  O "O4'" . U   A 1 4 ? -5.382  -5.496  0.348   1.00 7.72  ? 4    U   A "O4'" 1 
ATOM   70  C "C3'" . U   A 1 4 ? -3.807  -7.197  0.492   1.00 8.29  ? 4    U   A "C3'" 1 
ATOM   71  O "O3'" . U   A 1 4 ? -3.634  -8.596  0.302   1.00 9.62  ? 4    U   A "O3'" 1 
ATOM   72  C "C2'" . U   A 1 4 ? -3.523  -6.415  -0.783  1.00 8.03  ? 4    U   A "C2'" 1 
ATOM   73  O "O2'" . U   A 1 4 ? -4.075  -7.036  -1.916  1.00 10.94 ? 4    U   A "O2'" 1 
ATOM   74  C "C1'" . U   A 1 4 ? -4.279  -5.130  -0.475  1.00 8.02  ? 4    U   A "C1'" 1 
ATOM   75  N N1    . U   A 1 4 ? -3.449  -4.103  0.218   1.00 7.99  ? 4    U   A N1    1 
ATOM   76  C C2    . U   A 1 4 ? -2.581  -3.340  -0.548  1.00 8.62  ? 4    U   A C2    1 
ATOM   77  O O2    . U   A 1 4 ? -2.402  -3.445  -1.752  1.00 9.69  ? 4    U   A O2    1 
ATOM   78  N N3    . U   A 1 4 ? -1.846  -2.392  0.113   1.00 11.98 ? 4    U   A N3    1 
ATOM   79  C C4    . U   A 1 4 ? -1.840  -2.087  1.430   1.00 11.32 ? 4    U   A C4    1 
ATOM   80  O O4    . U   A 1 4 ? -1.131  -1.188  1.890   1.00 12.93 ? 4    U   A O4    1 
ATOM   81  C C5    . U   A 1 4 ? -2.759  -2.891  2.142   1.00 8.67  ? 4    U   A C5    1 
ATOM   82  C C6    . U   A 1 4 ? -3.501  -3.846  1.562   1.00 9.22  ? 4    U   A C6    1 
ATOM   83  P P     . U   A 1 5 ? -2.304  -9.303  0.814   1.00 10.71 ? 5    U   A P     1 
ATOM   84  O OP1   . U   A 1 5 ? -2.534  -10.752 0.642   1.00 13.27 ? 5    U   A OP1   1 
ATOM   85  O OP2   . U   A 1 5 ? -1.906  -8.762  2.091   1.00 10.32 ? 5    U   A OP2   1 
ATOM   86  O "O5'" . U   A 1 5 ? -1.184  -8.842  -0.227  1.00 9.05  ? 5    U   A "O5'" 1 
ATOM   87  C "C5'" . U   A 1 5 ? -1.172  -9.431  -1.516  1.00 9.56  ? 5    U   A "C5'" 1 
ATOM   88  C "C4'" . U   A 1 5 ? -0.183  -8.709  -2.395  1.00 7.63  ? 5    U   A "C4'" 1 
ATOM   89  O "O4'" . U   A 1 5 ? -0.547  -7.307  -2.486  1.00 7.35  ? 5    U   A "O4'" 1 
ATOM   90  C "C3'" . U   A 1 5 ? 1.246   -8.632  -1.881  1.00 6.88  ? 5    U   A "C3'" 1 
ATOM   91  O "O3'" . U   A 1 5 ? 1.872   -9.879  -2.107  1.00 7.86  ? 5    U   A "O3'" 1 
ATOM   92  C "C2'" . U   A 1 5 ? 1.777   -7.519  -2.765  1.00 6.23  ? 5    U   A "C2'" 1 
ATOM   93  O "O2'" . U   A 1 5 ? 1.869   -7.977  -4.091  1.00 7.37  ? 5    U   A "O2'" 1 
ATOM   94  C "C1'" . U   A 1 5 ? 0.634   -6.536  -2.594  1.00 6.80  ? 5    U   A "C1'" 1 
ATOM   95  N N1    . U   A 1 5 ? 0.780   -5.669  -1.384  1.00 6.42  ? 5    U   A N1    1 
ATOM   96  C C2    . U   A 1 5 ? 1.658   -4.605  -1.459  1.00 6.98  ? 5    U   A C2    1 
ATOM   97  O O2    . U   A 1 5 ? 2.323   -4.357  -2.453  1.00 7.52  ? 5    U   A O2    1 
ATOM   98  N N3    . U   A 1 5 ? 1.752   -3.839  -0.329  1.00 6.75  ? 5    U   A N3    1 
ATOM   99  C C4    . U   A 1 5 ? 1.053   -4.023  0.856   1.00 6.94  ? 5    U   A C4    1 
ATOM   100 O O4    . U   A 1 5 ? 1.217   -3.243  1.781   1.00 7.72  ? 5    U   A O4    1 
ATOM   101 C C5    . U   A 1 5 ? 0.162   -5.152  0.861   1.00 7.30  ? 5    U   A C5    1 
ATOM   102 C C6    . U   A 1 5 ? 0.057   -5.910  -0.227  1.00 7.29  ? 5    U   A C6    1 
ATOM   103 P P     . G   A 1 6 ? 3.178   -10.283 -1.264  1.00 9.74  ? 6    G   A P     1 
ATOM   104 O OP1   . G   A 1 6 ? 3.471   -11.683 -1.658  1.00 10.88 ? 6    G   A OP1   1 
ATOM   105 O OP2   . G   A 1 6 ? 3.035   -9.917  0.172   1.00 12.33 ? 6    G   A OP2   1 
ATOM   106 O "O5'" . G   A 1 6 ? 4.331   -9.303  -1.804  1.00 9.00  ? 6    G   A "O5'" 1 
ATOM   107 C "C5'" . G   A 1 6 ? 4.841   -9.398  -3.125  1.00 8.43  ? 6    G   A "C5'" 1 
ATOM   108 C "C4'" . G   A 1 6 ? 5.858   -8.300  -3.369  1.00 9.68  ? 6    G   A "C4'" 1 
ATOM   109 O "O4'" . G   A 1 6 ? 5.223   -7.000  -3.319  1.00 9.72  ? 6    G   A "O4'" 1 
ATOM   110 C "C3'" . G   A 1 6 ? 7.001   -8.166  -2.367  1.00 9.65  ? 6    G   A "C3'" 1 
ATOM   111 O "O3'" . G   A 1 6 ? 7.975   -9.167  -2.605  1.00 10.20 ? 6    G   A "O3'" 1 
ATOM   112 C "C2'" . G   A 1 6 ? 7.532   -6.763  -2.709  1.00 9.74  ? 6    G   A "C2'" 1 
ATOM   113 O "O2'" . G   A 1 6 ? 8.208   -6.711  -3.940  1.00 11.90 ? 6    G   A "O2'" 1 
ATOM   114 C "C1'" . G   A 1 6 ? 6.175   -6.067  -2.836  1.00 9.52  ? 6    G   A "C1'" 1 
ATOM   115 N N9    . G   A 1 6 ? 5.679   -5.629  -1.535  1.00 8.83  ? 6    G   A N9    1 
ATOM   116 C C8    . G   A 1 6 ? 4.729   -6.201  -0.728  1.00 8.50  ? 6    G   A C8    1 
ATOM   117 N N7    . G   A 1 6 ? 4.481   -5.576  0.383   1.00 10.63 ? 6    G   A N7    1 
ATOM   118 C C5    . G   A 1 6 ? 5.350   -4.510  0.337   1.00 8.03  ? 6    G   A C5    1 
ATOM   119 C C6    . G   A 1 6 ? 5.562   -3.458  1.267   1.00 9.45  ? 6    G   A C6    1 
ATOM   120 O O6    . G   A 1 6 ? 5.012   -3.281  2.347   1.00 10.37 ? 6    G   A O6    1 
ATOM   121 N N1    . G   A 1 6 ? 6.546   -2.568  0.852   1.00 8.91  ? 6    G   A N1    1 
ATOM   122 C C2    . G   A 1 6 ? 7.229   -2.655  -0.335  1.00 9.14  ? 6    G   A C2    1 
ATOM   123 N N2    . G   A 1 6 ? 8.126   -1.702  -0.561  1.00 9.58  ? 6    G   A N2    1 
ATOM   124 N N3    . G   A 1 6 ? 7.036   -3.625  -1.219  1.00 8.59  ? 6    G   A N3    1 
ATOM   125 C C4    . G   A 1 6 ? 6.084   -4.512  -0.829  1.00 8.95  ? 6    G   A C4    1 
ATOM   126 P P     . G   A 1 7 ? 8.821   -9.780  -1.392  1.00 11.55 ? 7    G   A P     1 
ATOM   127 O OP1   . G   A 1 7 ? 9.707   -10.804 -1.990  1.00 13.54 ? 7    G   A OP1   1 
ATOM   128 O OP2   . G   A 1 7 ? 7.935   -10.213 -0.296  1.00 12.61 ? 7    G   A OP2   1 
ATOM   129 O "O5'" . G   A 1 7 ? 9.690   -8.543  -0.866  1.00 9.74  ? 7    G   A "O5'" 1 
ATOM   130 C "C5'" . G   A 1 7 ? 10.682  -7.971  -1.727  1.00 9.26  ? 7    G   A "C5'" 1 
ATOM   131 C "C4'" . G   A 1 7 ? 11.273  -6.767  -1.028  1.00 8.67  ? 7    G   A "C4'" 1 
ATOM   132 O "O4'" . G   A 1 7 ? 10.249  -5.778  -0.792  1.00 8.12  ? 7    G   A "O4'" 1 
ATOM   133 C "C3'" . G   A 1 7 ? 11.844  -7.011  0.356   1.00 8.52  ? 7    G   A "C3'" 1 
ATOM   134 O "O3'" . G   A 1 7 ? 13.154  -7.566  0.263   1.00 9.56  ? 7    G   A "O3'" 1 
ATOM   135 C "C2'" . G   A 1 7 ? 11.880  -5.606  0.923   1.00 8.65  ? 7    G   A "C2'" 1 
ATOM   136 O "O2'" . G   A 1 7 ? 13.004  -4.877  0.456   1.00 9.57  ? 7    G   A "O2'" 1 
ATOM   137 C "C1'" . G   A 1 7 ? 10.580  -5.024  0.360   1.00 9.50  ? 7    G   A "C1'" 1 
ATOM   138 N N9    . G   A 1 7 ? 9.511   -5.126  1.351   1.00 8.60  ? 7    G   A N9    1 
ATOM   139 C C8    . G   A 1 7 ? 8.532   -6.077  1.462   1.00 10.11 ? 7    G   A C8    1 
ATOM   140 N N7    . G   A 1 7 ? 7.736   -5.853  2.504   1.00 11.05 ? 7    G   A N7    1 
ATOM   141 C C5    . G   A 1 7 ? 8.233   -4.682  3.101   1.00 9.64  ? 7    G   A C5    1 
ATOM   142 C C6    . G   A 1 7 ? 7.804   -3.983  4.244   1.00 12.09 ? 7    G   A C6    1 
ATOM   143 O O6    . G   A 1 7 ? 6.851   -4.286  4.956   1.00 12.49 ? 7    G   A O6    1 
ATOM   144 N N1    . G   A 1 7 ? 8.594   -2.869  4.526   1.00 11.77 ? 7    G   A N1    1 
ATOM   145 C C2    . G   A 1 7 ? 9.670   -2.503  3.742   1.00 11.27 ? 7    G   A C2    1 
ATOM   146 N N2    . G   A 1 7 ? 10.287  -1.393  4.179   1.00 10.41 ? 7    G   A N2    1 
ATOM   147 N N3    . G   A 1 7 ? 10.099  -3.171  2.652   1.00 9.54  ? 7    G   A N3    1 
ATOM   148 C C4    . G   A 1 7 ? 9.335   -4.248  2.391   1.00 9.00  ? 7    G   A C4    1 
ATOM   149 O "O5'" . C   B 2 1 ? 6.332   2.832   10.553  1.00 16.76 ? 66   C   B "O5'" 1 
ATOM   150 C "C5'" . C   B 2 1 ? 7.435   3.719   10.724  1.00 14.46 ? 66   C   B "C5'" 1 
ATOM   151 C "C4'" . C   B 2 1 ? 8.525   3.481   9.697   1.00 12.65 ? 66   C   B "C4'" 1 
ATOM   152 O "O4'" . C   B 2 1 ? 8.990   2.111   9.797   1.00 12.26 ? 66   C   B "O4'" 1 
ATOM   153 C "C3'" . C   B 2 1 ? 8.114   3.611   8.241   1.00 12.65 ? 66   C   B "C3'" 1 
ATOM   154 O "O3'" . C   B 2 1 ? 8.123   4.970   7.866   1.00 12.21 ? 66   C   B "O3'" 1 
ATOM   155 C "C2'" . C   B 2 1 ? 9.228   2.822   7.566   1.00 12.90 ? 66   C   B "C2'" 1 
ATOM   156 O "O2'" . C   B 2 1 ? 10.460  3.525   7.559   1.00 11.32 ? 66   C   B "O2'" 1 
ATOM   157 C "C1'" . C   B 2 1 ? 9.308   1.629   8.506   1.00 12.91 ? 66   C   B "C1'" 1 
ATOM   158 N N1    . C   B 2 1 ? 8.379   0.491   8.173   1.00 12.73 ? 66   C   B N1    1 
ATOM   159 C C2    . C   B 2 1 ? 8.686   -0.367  7.116   1.00 11.96 ? 66   C   B C2    1 
ATOM   160 O O2    . C   B 2 1 ? 9.701   -0.166  6.442   1.00 13.64 ? 66   C   B O2    1 
ATOM   161 N N3    . C   B 2 1 ? 7.846   -1.390  6.857   1.00 14.63 ? 66   C   B N3    1 
ATOM   162 C C4    . C   B 2 1 ? 6.756   -1.603  7.575   1.00 14.06 ? 66   C   B C4    1 
ATOM   163 N N4    . C   B 2 1 ? 5.984   -2.641  7.249   1.00 15.02 ? 66   C   B N4    1 
ATOM   164 C C5    . C   B 2 1 ? 6.412   -0.767  8.667   1.00 13.70 ? 66   C   B C5    1 
ATOM   165 C C6    . C   B 2 1 ? 7.250   0.249   8.913   1.00 13.03 ? 66   C   B C6    1 
ATOM   166 P P     . C   B 2 2 ? 7.180   5.500   6.700   1.00 13.11 ? 67   C   B P     1 
ATOM   167 O OP1   . C   B 2 2 ? 7.293   6.970   6.739   1.00 14.77 ? 67   C   B OP1   1 
ATOM   168 O OP2   . C   B 2 2 ? 5.863   4.879   6.867   1.00 14.01 ? 67   C   B OP2   1 
ATOM   169 O "O5'" . C   B 2 2 ? 7.849   4.910   5.371   1.00 11.78 ? 67   C   B "O5'" 1 
ATOM   170 C "C5'" . C   B 2 2 ? 9.097   5.420   4.911   1.00 11.83 ? 67   C   B "C5'" 1 
ATOM   171 C "C4'" . C   B 2 2 ? 9.524   4.665   3.673   1.00 10.96 ? 67   C   B "C4'" 1 
ATOM   172 O "O4'" . C   B 2 2 ? 9.775   3.274   3.998   1.00 10.52 ? 67   C   B "O4'" 1 
ATOM   173 C "C3'" . C   B 2 2 ? 8.463   4.552   2.592   1.00 11.23 ? 67   C   B "C3'" 1 
ATOM   174 O "O3'" . C   B 2 2 ? 8.295   5.777   1.867   1.00 12.02 ? 67   C   B "O3'" 1 
ATOM   175 C "C2'" . C   B 2 2 ? 9.062   3.409   1.781   1.00 9.18  ? 67   C   B "C2'" 1 
ATOM   176 O "O2'" . C   B 2 2 ? 10.185  3.765   0.996   1.00 11.82 ? 67   C   B "O2'" 1 
ATOM   177 C "C1'" . C   B 2 2 ? 9.429   2.447   2.895   1.00 10.64 ? 67   C   B "C1'" 1 
ATOM   178 N N1    . C   B 2 2 ? 8.297   1.524   3.241   1.00 9.63  ? 67   C   B N1    1 
ATOM   179 C C2    . C   B 2 2 ? 8.069   0.400   2.433   1.00 9.71  ? 67   C   B C2    1 
ATOM   180 O O2    . C   B 2 2 ? 8.808   0.205   1.458   1.00 9.81  ? 67   C   B O2    1 
ATOM   181 N N3    . C   B 2 2 ? 7.063   -0.432  2.721   1.00 10.58 ? 67   C   B N3    1 
ATOM   182 C C4    . C   B 2 2 ? 6.281   -0.183  3.770   1.00 9.76  ? 67   C   B C4    1 
ATOM   183 N N4    . C   B 2 2 ? 5.295   -1.030  4.029   1.00 10.99 ? 67   C   B N4    1 
ATOM   184 C C5    . C   B 2 2 ? 6.475   0.959   4.605   1.00 10.67 ? 67   C   B C5    1 
ATOM   185 C C6    . C   B 2 2 ? 7.474   1.780   4.301   1.00 10.08 ? 67   C   B C6    1 
ATOM   186 P P     . A   B 2 3 ? 6.836   6.207   1.325   1.00 12.14 ? 68   A   B P     1 
ATOM   187 O OP1   . A   B 2 3 ? 6.973   7.634   0.984   1.00 13.02 ? 68   A   B OP1   1 
ATOM   188 O OP2   . A   B 2 3 ? 5.721   5.798   2.188   1.00 13.86 ? 68   A   B OP2   1 
ATOM   189 O "O5'" . A   B 2 3 ? 6.724   5.299   0.012   1.00 9.63  ? 68   A   B "O5'" 1 
ATOM   190 C "C5'" . A   B 2 3 ? 7.742   5.423   -1.001  1.00 9.16  ? 68   A   B "C5'" 1 
ATOM   191 C "C4'" . A   B 2 3 ? 7.681   4.189   -1.873  1.00 8.13  ? 68   A   B "C4'" 1 
ATOM   192 O "O4'" . A   B 2 3 ? 7.805   2.982   -1.078  1.00 7.52  ? 68   A   B "O4'" 1 
ATOM   193 C "C3'" . A   B 2 3 ? 6.379   4.012   -2.640  1.00 7.46  ? 68   A   B "C3'" 1 
ATOM   194 O "O3'" . A   B 2 3 ? 6.377   4.876   -3.778  1.00 8.20  ? 68   A   B "O3'" 1 
ATOM   195 C "C2'" . A   B 2 3 ? 6.514   2.547   -3.003  1.00 6.50  ? 68   A   B "C2'" 1 
ATOM   196 O "O2'" . A   B 2 3 ? 7.494   2.418   -4.010  1.00 7.60  ? 68   A   B "O2'" 1 
ATOM   197 C "C1'" . A   B 2 3 ? 7.004   1.990   -1.688  1.00 6.47  ? 68   A   B "C1'" 1 
ATOM   198 N N9    . A   B 2 3 ? 5.959   1.578   -0.733  1.00 6.28  ? 68   A   B N9    1 
ATOM   199 C C8    . A   B 2 3 ? 5.589   2.228   0.411   1.00 6.87  ? 68   A   B C8    1 
ATOM   200 N N7    . A   B 2 3 ? 4.658   1.604   1.096   1.00 6.15  ? 68   A   B N7    1 
ATOM   201 C C5    . A   B 2 3 ? 4.403   0.463   0.353   1.00 5.72  ? 68   A   B C5    1 
ATOM   202 C C6    . A   B 2 3 ? 3.534   -0.621  0.546   1.00 5.59  ? 68   A   B C6    1 
ATOM   203 N N6    . A   B 2 3 ? 2.735   -0.730  1.610   1.00 6.71  ? 68   A   B N6    1 
ATOM   204 N N1    . A   B 2 3 ? 3.507   -1.590  -0.388  1.00 5.93  ? 68   A   B N1    1 
ATOM   205 C C2    . A   B 2 3 ? 4.318   -1.495  -1.450  1.00 6.30  ? 68   A   B C2    1 
ATOM   206 N N3    . A   B 2 3 ? 5.188   -0.515  -1.722  1.00 6.56  ? 68   A   B N3    1 
ATOM   207 C C4    . A   B 2 3 ? 5.192   0.429   -0.772  1.00 5.75  ? 68   A   B C4    1 
ATOM   208 P P     . A   B 2 4 ? 4.997   5.284   -4.469  1.00 9.75  ? 69   A   B P     1 
ATOM   209 O OP1   . A   B 2 4 ? 5.383   6.244   -5.530  1.00 11.66 ? 69   A   B OP1   1 
ATOM   210 O OP2   . A   B 2 4 ? 3.986   5.622   -3.445  1.00 10.46 ? 69   A   B OP2   1 
ATOM   211 O "O5'" . A   B 2 4 ? 4.462   3.946   -5.119  1.00 8.83  ? 69   A   B "O5'" 1 
ATOM   212 C "C5'" . A   B 2 4 ? 5.108   3.317   -6.195  1.00 9.89  ? 69   A   B "C5'" 1 
ATOM   213 C "C4'" . A   B 2 4 ? 4.443   1.991   -6.477  1.00 9.91  ? 69   A   B "C4'" 1 
ATOM   214 O "O4'" . A   B 2 4 ? 4.526   1.162   -5.302  1.00 9.10  ? 69   A   B "O4'" 1 
ATOM   215 C "C3'" . A   B 2 4 ? 2.945   2.053   -6.753  1.00 8.91  ? 69   A   B "C3'" 1 
ATOM   216 O "O3'" . A   B 2 4 ? 2.739   2.368   -8.114  1.00 9.74  ? 69   A   B "O3'" 1 
ATOM   217 C "C2'" . A   B 2 4 ? 2.481   0.646   -6.413  1.00 8.80  ? 69   A   B "C2'" 1 
ATOM   218 O "O2'" . A   B 2 4 ? 2.840   -0.302  -7.394  1.00 11.26 ? 69   A   B "O2'" 1 
ATOM   219 C "C1'" . A   B 2 4 ? 3.308   0.445   -5.163  1.00 9.32  ? 69   A   B "C1'" 1 
ATOM   220 N N9    . A   B 2 4 ? 2.684   0.845   -3.903  1.00 7.77  ? 69   A   B N9    1 
ATOM   221 C C8    . A   B 2 4 ? 2.892   1.986   -3.175  1.00 8.71  ? 69   A   B C8    1 
ATOM   222 N N7    . A   B 2 4 ? 2.224   2.014   -2.045  1.00 9.90  ? 69   A   B N7    1 
ATOM   223 C C5    . A   B 2 4 ? 1.527   0.768   -2.062  1.00 10.28 ? 69   A   B C5    1 
ATOM   224 C C6    . A   B 2 4 ? 0.648   0.142   -1.171  1.00 11.29 ? 69   A   B C6    1 
ATOM   225 N N6    . A   B 2 4 ? 0.284   0.699   -0.023  1.00 11.74 ? 69   A   B N6    1 
ATOM   226 N N1    . A   B 2 4 ? 0.172   -1.067  -1.509  1.00 11.62 ? 69   A   B N1    1 
ATOM   227 C C2    . A   B 2 4 ? 0.551   -1.628  -2.663  1.00 11.09 ? 69   A   B C2    1 
ATOM   228 N N3    . A   B 2 4 ? 1.383   -1.165  -3.609  1.00 9.71  ? 69   A   B N3    1 
ATOM   229 C C4    . A   B 2 4 ? 1.819   0.044   -3.217  1.00 9.42  ? 69   A   B C4    1 
ATOM   230 P P     . U   B 2 5 ? 1.545   3.340   -8.546  1.00 10.11 ? 70   U   B P     1 
ATOM   231 O OP1   . U   B 2 5 ? 1.760   3.626   -9.977  1.00 11.26 ? 70   U   B OP1   1 
ATOM   232 O OP2   . U   B 2 5 ? 1.417   4.446   -7.582  1.00 11.19 ? 70   U   B OP2   1 
ATOM   233 O "O5'" . U   B 2 5 ? 0.249   2.425   -8.352  1.00 8.40  ? 70   U   B "O5'" 1 
ATOM   234 C "C5'" . U   B 2 5 ? 0.039   1.333   -9.237  1.00 9.09  ? 70   U   B "C5'" 1 
ATOM   235 C "C4'" . U   B 2 5 ? -1.115  0.494   -8.733  1.00 7.99  ? 70   U   B "C4'" 1 
ATOM   236 O "O4'" . U   B 2 5 ? -0.723  -0.114  -7.476  1.00 8.17  ? 70   U   B "O4'" 1 
ATOM   237 C "C3'" . U   B 2 5 ? -2.395  1.244   -8.367  1.00 7.67  ? 70   U   B "C3'" 1 
ATOM   238 O "O3'" . U   B 2 5 ? -3.137  1.580   -9.538  1.00 7.90  ? 70   U   B "O3'" 1 
ATOM   239 C "C2'" . U   B 2 5 ? -3.066  0.187   -7.499  1.00 8.37  ? 70   U   B "C2'" 1 
ATOM   240 O "O2'" . U   B 2 5 ? -3.579  -0.859  -8.311  1.00 9.55  ? 70   U   B "O2'" 1 
ATOM   241 C "C1'" . U   B 2 5 ? -1.877  -0.277  -6.668  1.00 8.60  ? 70   U   B "C1'" 1 
ATOM   242 N N1    . U   B 2 5 ? -1.720  0.512   -5.401  1.00 7.88  ? 70   U   B N1    1 
ATOM   243 C C2    . U   B 2 5 ? -2.483  0.119   -4.319  1.00 8.37  ? 70   U   B C2    1 
ATOM   244 O O2    . U   B 2 5 ? -3.251  -0.818  -4.380  1.00 9.83  ? 70   U   B O2    1 
ATOM   245 N N3    . U   B 2 5 ? -2.328  0.864   -3.189  1.00 7.70  ? 70   U   B N3    1 
ATOM   246 C C4    . U   B 2 5 ? -1.500  1.946   -3.027  1.00 7.87  ? 70   U   B C4    1 
ATOM   247 O O4    . U   B 2 5 ? -1.451  2.515   -1.948  1.00 7.95  ? 70   U   B O4    1 
ATOM   248 C C5    . U   B 2 5 ? -0.754  2.323   -4.206  1.00 7.71  ? 70   U   B C5    1 
ATOM   249 C C6    . U   B 2 5 ? -0.885  1.608   -5.324  1.00 7.62  ? 70   U   B C6    1 
ATOM   250 P P     . G   B 2 6 ? -4.051  2.882   -9.509  1.00 8.21  ? 71   G   B P     1 
ATOM   251 O OP1   . G   B 2 6 ? -4.479  3.051   -10.913 1.00 8.91  ? 71   G   B OP1   1 
ATOM   252 O OP2   . G   B 2 6 ? -3.366  3.992   -8.823  1.00 8.98  ? 71   G   B OP2   1 
ATOM   253 O "O5'" . G   B 2 6 ? -5.295  2.506   -8.567  1.00 8.03  ? 71   G   B "O5'" 1 
ATOM   254 C "C5'" . G   B 2 6 ? -6.220  1.512   -8.975  1.00 8.90  ? 71   G   B "C5'" 1 
ATOM   255 C "C4'" . G   B 2 6 ? -7.063  1.069   -7.792  1.00 8.33  ? 71   G   B "C4'" 1 
ATOM   256 O "O4'" . G   B 2 6 ? -6.207  0.580   -6.724  1.00 8.53  ? 71   G   B "O4'" 1 
ATOM   257 C "C3'" . G   B 2 6 ? -7.878  2.146   -7.097  1.00 8.36  ? 71   G   B "C3'" 1 
ATOM   258 O "O3'" . G   B 2 6 ? -9.023  2.470   -7.879  1.00 9.20  ? 71   G   B "O3'" 1 
ATOM   259 C "C2'" . G   B 2 6 ? -8.184  1.458   -5.774  1.00 8.58  ? 71   G   B "C2'" 1 
ATOM   260 O "O2'" . G   B 2 6 ? -9.147  0.438   -5.954  1.00 10.05 ? 71   G   B "O2'" 1 
ATOM   261 C "C1'" . G   B 2 6 ? -6.808  0.873   -5.470  1.00 8.02  ? 71   G   B "C1'" 1 
ATOM   262 N N9    . G   B 2 6 ? -5.941  1.777   -4.705  1.00 7.26  ? 71   G   B N9    1 
ATOM   263 C C8    . G   B 2 6 ? -4.865  2.540   -5.107  1.00 8.05  ? 71   G   B C8    1 
ATOM   264 N N7    . G   B 2 6 ? -4.342  3.247   -4.144  1.00 7.29  ? 71   G   B N7    1 
ATOM   265 C C5    . G   B 2 6 ? -5.109  2.928   -3.028  1.00 7.29  ? 71   G   B C5    1 
ATOM   266 C C6    . G   B 2 6 ? -5.031  3.356   -1.682  1.00 7.08  ? 71   G   B C6    1 
ATOM   267 O O6    . G   B 2 6 ? -4.232  4.158   -1.180  1.00 8.16  ? 71   G   B O6    1 
ATOM   268 N N1    . G   B 2 6 ? -6.029  2.797   -0.873  1.00 7.45  ? 71   G   B N1    1 
ATOM   269 C C2    . G   B 2 6 ? -6.975  1.914   -1.308  1.00 7.73  ? 71   G   B C2    1 
ATOM   270 N N2    . G   B 2 6 ? -7.875  1.467   -0.417  1.00 7.42  ? 71   G   B N2    1 
ATOM   271 N N3    . G   B 2 6 ? -7.053  1.491   -2.555  1.00 7.69  ? 71   G   B N3    1 
ATOM   272 C C4    . G   B 2 6 ? -6.093  2.029   -3.360  1.00 7.15  ? 71   G   B C4    1 
ATOM   273 P P     . C   B 2 7 ? -9.692  3.933   -7.753  1.00 10.99 ? 72   C   B P     1 
ATOM   274 O OP1   . C   B 2 7 ? -10.802 3.990   -8.733  1.00 13.05 ? 72   C   B OP1   1 
ATOM   275 O OP2   . C   B 2 7 ? -8.645  4.974   -7.829  1.00 11.24 ? 72   C   B OP2   1 
ATOM   276 O "O5'" . C   B 2 7 ? -10.240 3.958   -6.248  1.00 10.70 ? 72   C   B "O5'" 1 
ATOM   277 C "C5'" . C   B 2 7 ? -11.349 3.132   -5.866  1.00 10.91 ? 72   C   B "C5'" 1 
ATOM   278 C "C4'" . C   B 2 7 ? -11.636 3.311   -4.389  1.00 11.20 ? 72   C   B "C4'" 1 
ATOM   279 O "O4'" . C   B 2 7 ? -10.492 2.920   -3.587  1.00 11.58 ? 72   C   B "O4'" 1 
ATOM   280 C "C3'" . C   B 2 7 ? -11.902 4.741   -3.935  1.00 10.78 ? 72   C   B "C3'" 1 
ATOM   281 O "O3'" . C   B 2 7 ? -13.210 5.176   -4.299  1.00 12.15 ? 72   C   B "O3'" 1 
ATOM   282 C "C2'" . C   B 2 7 ? -11.745 4.568   -2.427  1.00 10.95 ? 72   C   B "C2'" 1 
ATOM   283 O "O2'" . C   B 2 7 ? -12.873 3.954   -1.833  1.00 12.32 ? 72   C   B "O2'" 1 
ATOM   284 C "C1'" . C   B 2 7 ? -10.517 3.650   -2.371  1.00 11.44 ? 72   C   B "C1'" 1 
ATOM   285 N N1    . C   B 2 7 ? -9.270  4.458   -2.247  1.00 11.29 ? 72   C   B N1    1 
ATOM   286 C C2    . C   B 2 7 ? -8.860  4.950   -0.999  1.00 11.43 ? 72   C   B C2    1 
ATOM   287 O O2    . C   B 2 7 ? -9.513  4.703   0.026   1.00 12.94 ? 72   C   B O2    1 
ATOM   288 N N3    . C   B 2 7 ? -7.737  5.699   -0.932  1.00 12.83 ? 72   C   B N3    1 
ATOM   289 C C4    . C   B 2 7 ? -7.040  5.988   -2.014  1.00 13.10 ? 72   C   B C4    1 
ATOM   290 N N4    . C   B 2 7 ? -5.945  6.735   -1.861  1.00 14.04 ? 72   C   B N4    1 
ATOM   291 C C5    . C   B 2 7 ? -7.434  5.515   -3.286  1.00 13.11 ? 72   C   B C5    1 
ATOM   292 C C6    . C   B 2 7 ? -8.533  4.766   -3.357  1.00 11.62 ? 72   C   B C6    1 
HETATM 293 O O     . HOH C 3 . ? -10.127 6.302   6.700   1.00 19.17 ? 2001 HOH A O     1 
HETATM 294 O O     . HOH C 3 . ? -8.438  6.039   10.803  1.00 23.77 ? 2002 HOH A O     1 
HETATM 295 O O     . HOH C 3 . ? -10.456 1.614   2.751   1.00 14.64 ? 2003 HOH A O     1 
HETATM 296 O O     . HOH C 3 . ? -1.857  5.902   3.221   1.00 21.47 ? 2004 HOH A O     1 
HETATM 297 O O     . HOH C 3 . ? -8.675  -6.278  -0.116  1.00 10.49 ? 2005 HOH A O     1 
HETATM 298 O O     . HOH C 3 . ? -3.643  0.790   5.108   1.00 19.51 ? 2006 HOH A O     1 
HETATM 299 O O     . HOH C 3 . ? -1.436  2.674   2.939   1.00 18.63 ? 2007 HOH A O     1 
HETATM 300 O O     . HOH C 3 . ? -4.521  -9.385  -3.132  1.00 18.19 ? 2008 HOH A O     1 
HETATM 301 O O     . HOH C 3 . ? -8.335  -6.964  6.709   1.00 17.67 ? 2009 HOH A O     1 
HETATM 302 O O     . HOH C 3 . ? -3.703  -2.616  5.788   1.00 17.00 ? 2010 HOH A O     1 
HETATM 303 O O     . HOH C 3 . ? -0.610  -0.140  4.084   1.00 14.11 ? 2011 HOH A O     1 
HETATM 304 O O     . HOH C 3 . ? -2.964  -5.113  -3.835  1.00 23.38 ? 2012 HOH A O     1 
HETATM 305 O O     . HOH C 3 . ? 9.877   -8.540  -5.212  1.00 15.71 ? 2013 HOH A O     1 
HETATM 306 O O     . HOH C 3 . ? 3.151   -4.347  4.016   1.00 26.78 ? 2014 HOH A O     1 
HETATM 307 O O     . HOH C 3 . ? 7.363   -5.513  -5.989  1.00 19.03 ? 2015 HOH A O     1 
HETATM 308 O O     . HOH C 3 . ? 2.825   -7.504  1.664   1.00 15.00 ? 2016 HOH A O     1 
HETATM 309 O O     . HOH C 3 . ? 5.823   -9.427  1.240   1.00 21.16 ? 2017 HOH A O     1 
HETATM 310 O O     . HOH C 3 . ? 12.986  -2.673  2.014   1.00 10.94 ? 2018 HOH A O     1 
HETATM 311 O O     . HOH C 3 . ? 15.634  -5.735  0.947   1.00 11.07 ? 2019 HOH A O     1 
HETATM 312 O O     . HOH C 3 . ? 13.165  -9.989  1.350   1.00 23.24 ? 2020 HOH A O     1 
HETATM 313 O O     . HOH C 3 . ? 12.002  -11.823 -0.508  1.00 25.68 ? 2021 HOH A O     1 
HETATM 314 O O     . HOH D 3 . ? 3.634   -0.233  6.362   1.00 18.81 ? 2001 HOH B O     1 
HETATM 315 O O     . HOH D 3 . ? 1.943   0.751   4.177   1.00 16.39 ? 2002 HOH B O     1 
HETATM 316 O O     . HOH D 3 . ? 3.217   2.802   3.111   1.00 15.45 ? 2003 HOH B O     1 
HETATM 317 O O     . HOH D 3 . ? 9.204   8.664   2.231   1.00 19.71 ? 2004 HOH B O     1 
HETATM 318 O O     . HOH D 3 . ? 4.522   4.873   4.292   1.00 16.23 ? 2005 HOH B O     1 
HETATM 319 O O     . HOH D 3 . ? 6.660   8.863   -1.207  1.00 23.90 ? 2006 HOH B O     1 
HETATM 320 O O     . HOH D 3 . ? 9.087   4.096   -5.508  1.00 12.48 ? 2007 HOH B O     1 
HETATM 321 O O     . HOH D 3 . ? 8.362   7.268   -4.889  1.00 23.84 ? 2008 HOH B O     1 
HETATM 322 O O     . HOH D 3 . ? 1.875   -3.481  -5.038  0.50 6.46  ? 2009 HOH B O     1 
HETATM 323 O O     . HOH D 3 . ? 1.336   5.050   -4.627  1.00 15.60 ? 2010 HOH B O     1 
HETATM 324 O O     . HOH D 3 . ? 4.390   -0.145  -9.698  1.00 14.34 ? 2011 HOH B O     1 
HETATM 325 O O     . HOH D 3 . ? 0.950   3.270   1.625   1.00 16.68 ? 2012 HOH B O     1 
HETATM 326 O O     . HOH D 3 . ? 7.822   6.046   -6.984  1.00 27.55 ? 2013 HOH B O     1 
HETATM 327 O O     . HOH D 3 . ? -5.050  -2.790  -4.589  1.00 24.06 ? 2014 HOH B O     1 
HETATM 328 O O     . HOH D 3 . ? -4.507  -3.023  -7.232  0.50 15.20 ? 2015 HOH B O     1 
HETATM 329 O O     . HOH D 3 . ? -4.509  -1.083  -10.877 1.00 19.39 ? 2016 HOH B O     1 
HETATM 330 O O     . HOH D 3 . ? 3.454   6.375   -7.607  1.00 24.29 ? 2017 HOH B O     1 
HETATM 331 O O     . HOH D 3 . ? -1.449  5.027   -7.033  1.00 15.19 ? 2018 HOH B O     1 
HETATM 332 O O     . HOH D 3 . ? -2.669  5.413   -4.581  1.00 13.60 ? 2019 HOH B O     1 
HETATM 333 O O     . HOH D 3 . ? -9.205  -0.705  -3.455  1.00 18.14 ? 2020 HOH B O     1 
HETATM 334 O O     . HOH D 3 . ? -3.206  2.017   -13.001 0.50 11.52 ? 2021 HOH B O     1 
HETATM 335 O O     . HOH D 3 . ? -12.451 4.319   0.902   1.00 16.69 ? 2022 HOH B O     1 
HETATM 336 O O     . HOH D 3 . ? -12.964 1.989   -8.644  1.00 22.01 ? 2023 HOH B O     1 
HETATM 337 O O     . HOH D 3 . ? -15.342 3.481   -4.582  1.00 19.73 ? 2024 HOH B O     1 
HETATM 338 O O     . HOH D 3 . ? -7.622  5.699   -10.234 1.00 13.66 ? 2025 HOH B O     1 
HETATM 339 O O     . HOH D 3 . ? -12.898 1.088   -1.966  1.00 12.28 ? 2026 HOH B O     1 
HETATM 340 O O     . HOH D 3 . ? -12.814 7.070   -6.390  1.00 25.85 ? 2027 HOH B O     1 
# 
loop_
_pdbx_poly_seq_scheme.asym_id 
_pdbx_poly_seq_scheme.entity_id 
_pdbx_poly_seq_scheme.seq_id 
_pdbx_poly_seq_scheme.mon_id 
_pdbx_poly_seq_scheme.ndb_seq_num 
_pdbx_poly_seq_scheme.pdb_seq_num 
_pdbx_poly_seq_scheme.auth_seq_num 
_pdbx_poly_seq_scheme.pdb_mon_id 
_pdbx_poly_seq_scheme.auth_mon_id 
_pdbx_poly_seq_scheme.pdb_strand_id 
_pdbx_poly_seq_scheme.pdb_ins_code 
_pdbx_poly_seq_scheme.hetero 
A 1 1 G 1 1  1  G G A . n 
A 1 2 C 2 2  2  C C A . n 
A 1 3 A 3 3  3  A A A . n 
A 1 4 U 4 4  4  U U A . n 
A 1 5 U 5 5  5  U U A . n 
A 1 6 G 6 6  6  G G A . n 
A 1 7 G 7 7  7  G G A . n 
B 2 1 C 1 66 66 C C B . n 
B 2 2 C 2 67 67 C C B . n 
B 2 3 A 3 68 68 A A B . n 
B 2 4 A 4 69 69 A A B . n 
B 2 5 U 5 70 70 U U B . n 
B 2 6 G 6 71 71 G G B . n 
B 2 7 C 7 72 72 C C B . n 
# 
loop_
_pdbx_nonpoly_scheme.asym_id 
_pdbx_nonpoly_scheme.entity_id 
_pdbx_nonpoly_scheme.mon_id 
_pdbx_nonpoly_scheme.ndb_seq_num 
_pdbx_nonpoly_scheme.pdb_seq_num 
_pdbx_nonpoly_scheme.auth_seq_num 
_pdbx_nonpoly_scheme.pdb_mon_id 
_pdbx_nonpoly_scheme.auth_mon_id 
_pdbx_nonpoly_scheme.pdb_strand_id 
_pdbx_nonpoly_scheme.pdb_ins_code 
C 3 HOH 1  2001 2001 HOH HOH A . 
C 3 HOH 2  2002 2002 HOH HOH A . 
C 3 HOH 3  2003 2003 HOH HOH A . 
C 3 HOH 4  2004 2004 HOH HOH A . 
C 3 HOH 5  2005 2005 HOH HOH A . 
C 3 HOH 6  2006 2006 HOH HOH A . 
C 3 HOH 7  2007 2007 HOH HOH A . 
C 3 HOH 8  2008 2008 HOH HOH A . 
C 3 HOH 9  2009 2009 HOH HOH A . 
C 3 HOH 10 2010 2010 HOH HOH A . 
C 3 HOH 11 2011 2011 HOH HOH A . 
C 3 HOH 12 2012 2012 HOH HOH A . 
C 3 HOH 13 2013 2013 HOH HOH A . 
C 3 HOH 14 2014 2014 HOH HOH A . 
C 3 HOH 15 2015 2015 HOH HOH A . 
C 3 HOH 16 2016 2016 HOH HOH A . 
C 3 HOH 17 2017 2017 HOH HOH A . 
C 3 HOH 18 2018 2018 HOH HOH A . 
C 3 HOH 19 2019 2019 HOH HOH A . 
C 3 HOH 20 2020 2020 HOH HOH A . 
C 3 HOH 21 2021 2021 HOH HOH A . 
D 3 HOH 1  2001 2001 HOH HOH B . 
D 3 HOH 2  2002 2002 HOH HOH B . 
D 3 HOH 3  2003 2003 HOH HOH B . 
D 3 HOH 4  2004 2004 HOH HOH B . 
D 3 HOH 5  2005 2005 HOH HOH B . 
D 3 HOH 6  2006 2006 HOH HOH B . 
D 3 HOH 7  2007 2007 HOH HOH B . 
D 3 HOH 8  2008 2008 HOH HOH B . 
D 3 HOH 9  2009 2009 HOH HOH B . 
D 3 HOH 10 2010 2010 HOH HOH B . 
D 3 HOH 11 2011 2011 HOH HOH B . 
D 3 HOH 12 2012 2012 HOH HOH B . 
D 3 HOH 13 2013 2013 HOH HOH B . 
D 3 HOH 14 2014 2014 HOH HOH B . 
D 3 HOH 15 2015 2015 HOH HOH B . 
D 3 HOH 16 2016 2016 HOH HOH B . 
D 3 HOH 17 2017 2017 HOH HOH B . 
D 3 HOH 18 2018 2018 HOH HOH B . 
D 3 HOH 19 2019 2019 HOH HOH B . 
D 3 HOH 20 2020 2020 HOH HOH B . 
D 3 HOH 21 2021 2021 HOH HOH B . 
D 3 HOH 22 2022 2022 HOH HOH B . 
D 3 HOH 23 2023 2023 HOH HOH B . 
D 3 HOH 24 2024 2024 HOH HOH B . 
D 3 HOH 25 2025 2025 HOH HOH B . 
D 3 HOH 26 2026 2026 HOH HOH B . 
D 3 HOH 27 2027 2027 HOH HOH B . 
# 
_pdbx_struct_assembly.id                   1 
_pdbx_struct_assembly.details              author_and_software_defined_assembly 
_pdbx_struct_assembly.method_details       PISA 
_pdbx_struct_assembly.oligomeric_details   dimeric 
_pdbx_struct_assembly.oligomeric_count     2 
# 
_pdbx_struct_assembly_gen.assembly_id       1 
_pdbx_struct_assembly_gen.oper_expression   1 
_pdbx_struct_assembly_gen.asym_id_list      A,B,C,D 
# 
loop_
_pdbx_struct_assembly_prop.biol_id 
_pdbx_struct_assembly_prop.type 
_pdbx_struct_assembly_prop.value 
_pdbx_struct_assembly_prop.details 
1 'ABSA (A^2)' 690  ? 
1 MORE         -2.5 ? 
1 'SSA (A^2)'  2760 ? 
# 
_pdbx_struct_oper_list.id                   1 
_pdbx_struct_oper_list.type                 'identity operation' 
_pdbx_struct_oper_list.name                 1_555 
_pdbx_struct_oper_list.symmetry_operation   x,y,z 
_pdbx_struct_oper_list.matrix[1][1]         1.0000000000 
_pdbx_struct_oper_list.matrix[1][2]         0.0000000000 
_pdbx_struct_oper_list.matrix[1][3]         0.0000000000 
_pdbx_struct_oper_list.vector[1]            0.0000000000 
_pdbx_struct_oper_list.matrix[2][1]         0.0000000000 
_pdbx_struct_oper_list.matrix[2][2]         1.0000000000 
_pdbx_struct_oper_list.matrix[2][3]         0.0000000000 
_pdbx_struct_oper_list.vector[2]            0.0000000000 
_pdbx_struct_oper_list.matrix[3][1]         0.0000000000 
_pdbx_struct_oper_list.matrix[3][2]         0.0000000000 
_pdbx_struct_oper_list.matrix[3][3]         1.0000000000 
_pdbx_struct_oper_list.vector[3]            0.0000000000 
# 
_pdbx_struct_special_symmetry.id              1 
_pdbx_struct_special_symmetry.PDB_model_num   1 
_pdbx_struct_special_symmetry.auth_asym_id    B 
_pdbx_struct_special_symmetry.auth_comp_id    HOH 
_pdbx_struct_special_symmetry.auth_seq_id     2015 
_pdbx_struct_special_symmetry.PDB_ins_code    ? 
_pdbx_struct_special_symmetry.label_asym_id   D 
_pdbx_struct_special_symmetry.label_comp_id   HOH 
_pdbx_struct_special_symmetry.label_seq_id    . 
# 
loop_
_pdbx_audit_revision_history.ordinal 
_pdbx_audit_revision_history.data_content_type 
_pdbx_audit_revision_history.major_revision 
_pdbx_audit_revision_history.minor_revision 
_pdbx_audit_revision_history.revision_date 
1 'Structure model' 1 0 2009-03-10 
2 'Structure model' 1 1 2012-03-28 
3 'Structure model' 1 2 2019-05-08 
4 'Structure model' 1 3 2023-12-13 
# 
_pdbx_audit_revision_details.ordinal             1 
_pdbx_audit_revision_details.revision_ordinal    1 
_pdbx_audit_revision_details.data_content_type   'Structure model' 
_pdbx_audit_revision_details.provider            repository 
_pdbx_audit_revision_details.type                'Initial release' 
_pdbx_audit_revision_details.description         ? 
_pdbx_audit_revision_details.details             ? 
# 
loop_
_pdbx_audit_revision_group.ordinal 
_pdbx_audit_revision_group.revision_ordinal 
_pdbx_audit_revision_group.data_content_type 
_pdbx_audit_revision_group.group 
1  2 'Structure model' 'Database references'       
2  2 'Structure model' 'Derived calculations'      
3  2 'Structure model' 'Non-polymer description'   
4  2 'Structure model' Other                       
5  2 'Structure model' 'Refinement description'    
6  2 'Structure model' 'Version format compliance' 
7  3 'Structure model' 'Data collection'           
8  3 'Structure model' 'Derived calculations'      
9  3 'Structure model' 'Experimental preparation'  
10 3 'Structure model' Other                       
11 4 'Structure model' 'Data collection'           
12 4 'Structure model' 'Database references'       
13 4 'Structure model' Other                       
14 4 'Structure model' 'Refinement description'    
# 
loop_
_pdbx_audit_revision_category.ordinal 
_pdbx_audit_revision_category.revision_ordinal 
_pdbx_audit_revision_category.data_content_type 
_pdbx_audit_revision_category.category 
1 3 'Structure model' exptl_crystal_grow            
2 3 'Structure model' pdbx_database_proc            
3 3 'Structure model' pdbx_database_status          
4 3 'Structure model' pdbx_struct_special_symmetry  
5 4 'Structure model' chem_comp_atom                
6 4 'Structure model' chem_comp_bond                
7 4 'Structure model' database_2                    
8 4 'Structure model' pdbx_database_status          
9 4 'Structure model' pdbx_initial_refinement_model 
# 
loop_
_pdbx_audit_revision_item.ordinal 
_pdbx_audit_revision_item.revision_ordinal 
_pdbx_audit_revision_item.data_content_type 
_pdbx_audit_revision_item.item 
1 3 'Structure model' '_exptl_crystal_grow.temp'                    
2 3 'Structure model' '_pdbx_database_status.recvd_author_approval' 
3 4 'Structure model' '_database_2.pdbx_DOI'                        
4 4 'Structure model' '_database_2.pdbx_database_accession'         
5 4 'Structure model' '_pdbx_database_status.status_code_sf'        
# 
loop_
_software.name 
_software.classification 
_software.version 
_software.citation_id 
_software.pdbx_ordinal 
REFMAC    refinement     5.0 ? 1 
SCALEPACK 'data scaling' .   ? 2 
PHASER    phasing        .   ? 3 
# 
_pdbx_validate_rmsd_bond.id                        1 
_pdbx_validate_rmsd_bond.PDB_model_num             1 
_pdbx_validate_rmsd_bond.auth_atom_id_1            C5 
_pdbx_validate_rmsd_bond.auth_asym_id_1            B 
_pdbx_validate_rmsd_bond.auth_comp_id_1            A 
_pdbx_validate_rmsd_bond.auth_seq_id_1             69 
_pdbx_validate_rmsd_bond.PDB_ins_code_1            ? 
_pdbx_validate_rmsd_bond.label_alt_id_1            ? 
_pdbx_validate_rmsd_bond.auth_atom_id_2            N7 
_pdbx_validate_rmsd_bond.auth_asym_id_2            B 
_pdbx_validate_rmsd_bond.auth_comp_id_2            A 
_pdbx_validate_rmsd_bond.auth_seq_id_2             69 
_pdbx_validate_rmsd_bond.PDB_ins_code_2            ? 
_pdbx_validate_rmsd_bond.label_alt_id_2            ? 
_pdbx_validate_rmsd_bond.bond_value                1.427 
_pdbx_validate_rmsd_bond.bond_target_value         1.388 
_pdbx_validate_rmsd_bond.bond_deviation            0.039 
_pdbx_validate_rmsd_bond.bond_standard_deviation   0.006 
_pdbx_validate_rmsd_bond.linker_flag               N 
# 
loop_
_pdbx_validate_rmsd_angle.id 
_pdbx_validate_rmsd_angle.PDB_model_num 
_pdbx_validate_rmsd_angle.auth_atom_id_1 
_pdbx_validate_rmsd_angle.auth_asym_id_1 
_pdbx_validate_rmsd_angle.auth_comp_id_1 
_pdbx_validate_rmsd_angle.auth_seq_id_1 
_pdbx_validate_rmsd_angle.PDB_ins_code_1 
_pdbx_validate_rmsd_angle.label_alt_id_1 
_pdbx_validate_rmsd_angle.auth_atom_id_2 
_pdbx_validate_rmsd_angle.auth_asym_id_2 
_pdbx_validate_rmsd_angle.auth_comp_id_2 
_pdbx_validate_rmsd_angle.auth_seq_id_2 
_pdbx_validate_rmsd_angle.PDB_ins_code_2 
_pdbx_validate_rmsd_angle.label_alt_id_2 
_pdbx_validate_rmsd_angle.auth_atom_id_3 
_pdbx_validate_rmsd_angle.auth_asym_id_3 
_pdbx_validate_rmsd_angle.auth_comp_id_3 
_pdbx_validate_rmsd_angle.auth_seq_id_3 
_pdbx_validate_rmsd_angle.PDB_ins_code_3 
_pdbx_validate_rmsd_angle.label_alt_id_3 
_pdbx_validate_rmsd_angle.angle_value 
_pdbx_validate_rmsd_angle.angle_target_value 
_pdbx_validate_rmsd_angle.angle_deviation 
_pdbx_validate_rmsd_angle.angle_standard_deviation 
_pdbx_validate_rmsd_angle.linker_flag 
1 1 N3 A U 4  ? ? C2 A U 4  ? ? O2 A U 4  ? ? 117.20 122.20 -5.00 0.70 N 
2 1 C8 A G 6  ? ? N9 A G 6  ? ? C4 A G 6  ? ? 103.86 106.40 -2.54 0.40 N 
3 1 C8 B A 69 ? ? N9 B A 69 ? ? C4 B A 69 ? ? 108.50 105.80 2.70  0.40 N 
# 
loop_
_chem_comp_atom.comp_id 
_chem_comp_atom.atom_id 
_chem_comp_atom.type_symbol 
_chem_comp_atom.pdbx_aromatic_flag 
_chem_comp_atom.pdbx_stereo_config 
_chem_comp_atom.pdbx_ordinal 
A   OP3    O N N 1   
A   P      P N N 2   
A   OP1    O N N 3   
A   OP2    O N N 4   
A   "O5'"  O N N 5   
A   "C5'"  C N N 6   
A   "C4'"  C N R 7   
A   "O4'"  O N N 8   
A   "C3'"  C N S 9   
A   "O3'"  O N N 10  
A   "C2'"  C N R 11  
A   "O2'"  O N N 12  
A   "C1'"  C N R 13  
A   N9     N Y N 14  
A   C8     C Y N 15  
A   N7     N Y N 16  
A   C5     C Y N 17  
A   C6     C Y N 18  
A   N6     N N N 19  
A   N1     N Y N 20  
A   C2     C Y N 21  
A   N3     N Y N 22  
A   C4     C Y N 23  
A   HOP3   H N N 24  
A   HOP2   H N N 25  
A   "H5'"  H N N 26  
A   "H5''" H N N 27  
A   "H4'"  H N N 28  
A   "H3'"  H N N 29  
A   "HO3'" H N N 30  
A   "H2'"  H N N 31  
A   "HO2'" H N N 32  
A   "H1'"  H N N 33  
A   H8     H N N 34  
A   H61    H N N 35  
A   H62    H N N 36  
A   H2     H N N 37  
C   OP3    O N N 38  
C   P      P N N 39  
C   OP1    O N N 40  
C   OP2    O N N 41  
C   "O5'"  O N N 42  
C   "C5'"  C N N 43  
C   "C4'"  C N R 44  
C   "O4'"  O N N 45  
C   "C3'"  C N S 46  
C   "O3'"  O N N 47  
C   "C2'"  C N R 48  
C   "O2'"  O N N 49  
C   "C1'"  C N R 50  
C   N1     N N N 51  
C   C2     C N N 52  
C   O2     O N N 53  
C   N3     N N N 54  
C   C4     C N N 55  
C   N4     N N N 56  
C   C5     C N N 57  
C   C6     C N N 58  
C   HOP3   H N N 59  
C   HOP2   H N N 60  
C   "H5'"  H N N 61  
C   "H5''" H N N 62  
C   "H4'"  H N N 63  
C   "H3'"  H N N 64  
C   "HO3'" H N N 65  
C   "H2'"  H N N 66  
C   "HO2'" H N N 67  
C   "H1'"  H N N 68  
C   H41    H N N 69  
C   H42    H N N 70  
C   H5     H N N 71  
C   H6     H N N 72  
G   OP3    O N N 73  
G   P      P N N 74  
G   OP1    O N N 75  
G   OP2    O N N 76  
G   "O5'"  O N N 77  
G   "C5'"  C N N 78  
G   "C4'"  C N R 79  
G   "O4'"  O N N 80  
G   "C3'"  C N S 81  
G   "O3'"  O N N 82  
G   "C2'"  C N R 83  
G   "O2'"  O N N 84  
G   "C1'"  C N R 85  
G   N9     N Y N 86  
G   C8     C Y N 87  
G   N7     N Y N 88  
G   C5     C Y N 89  
G   C6     C N N 90  
G   O6     O N N 91  
G   N1     N N N 92  
G   C2     C N N 93  
G   N2     N N N 94  
G   N3     N N N 95  
G   C4     C Y N 96  
G   HOP3   H N N 97  
G   HOP2   H N N 98  
G   "H5'"  H N N 99  
G   "H5''" H N N 100 
G   "H4'"  H N N 101 
G   "H3'"  H N N 102 
G   "HO3'" H N N 103 
G   "H2'"  H N N 104 
G   "HO2'" H N N 105 
G   "H1'"  H N N 106 
G   H8     H N N 107 
G   H1     H N N 108 
G   H21    H N N 109 
G   H22    H N N 110 
HOH O      O N N 111 
HOH H1     H N N 112 
HOH H2     H N N 113 
U   OP3    O N N 114 
U   P      P N N 115 
U   OP1    O N N 116 
U   OP2    O N N 117 
U   "O5'"  O N N 118 
U   "C5'"  C N N 119 
U   "C4'"  C N R 120 
U   "O4'"  O N N 121 
U   "C3'"  C N S 122 
U   "O3'"  O N N 123 
U   "C2'"  C N R 124 
U   "O2'"  O N N 125 
U   "C1'"  C N R 126 
U   N1     N N N 127 
U   C2     C N N 128 
U   O2     O N N 129 
U   N3     N N N 130 
U   C4     C N N 131 
U   O4     O N N 132 
U   C5     C N N 133 
U   C6     C N N 134 
U   HOP3   H N N 135 
U   HOP2   H N N 136 
U   "H5'"  H N N 137 
U   "H5''" H N N 138 
U   "H4'"  H N N 139 
U   "H3'"  H N N 140 
U   "HO3'" H N N 141 
U   "H2'"  H N N 142 
U   "HO2'" H N N 143 
U   "H1'"  H N N 144 
U   H3     H N N 145 
U   H5     H N N 146 
U   H6     H N N 147 
# 
loop_
_chem_comp_bond.comp_id 
_chem_comp_bond.atom_id_1 
_chem_comp_bond.atom_id_2 
_chem_comp_bond.value_order 
_chem_comp_bond.pdbx_aromatic_flag 
_chem_comp_bond.pdbx_stereo_config 
_chem_comp_bond.pdbx_ordinal 
A   OP3   P      sing N N 1   
A   OP3   HOP3   sing N N 2   
A   P     OP1    doub N N 3   
A   P     OP2    sing N N 4   
A   P     "O5'"  sing N N 5   
A   OP2   HOP2   sing N N 6   
A   "O5'" "C5'"  sing N N 7   
A   "C5'" "C4'"  sing N N 8   
A   "C5'" "H5'"  sing N N 9   
A   "C5'" "H5''" sing N N 10  
A   "C4'" "O4'"  sing N N 11  
A   "C4'" "C3'"  sing N N 12  
A   "C4'" "H4'"  sing N N 13  
A   "O4'" "C1'"  sing N N 14  
A   "C3'" "O3'"  sing N N 15  
A   "C3'" "C2'"  sing N N 16  
A   "C3'" "H3'"  sing N N 17  
A   "O3'" "HO3'" sing N N 18  
A   "C2'" "O2'"  sing N N 19  
A   "C2'" "C1'"  sing N N 20  
A   "C2'" "H2'"  sing N N 21  
A   "O2'" "HO2'" sing N N 22  
A   "C1'" N9     sing N N 23  
A   "C1'" "H1'"  sing N N 24  
A   N9    C8     sing Y N 25  
A   N9    C4     sing Y N 26  
A   C8    N7     doub Y N 27  
A   C8    H8     sing N N 28  
A   N7    C5     sing Y N 29  
A   C5    C6     sing Y N 30  
A   C5    C4     doub Y N 31  
A   C6    N6     sing N N 32  
A   C6    N1     doub Y N 33  
A   N6    H61    sing N N 34  
A   N6    H62    sing N N 35  
A   N1    C2     sing Y N 36  
A   C2    N3     doub Y N 37  
A   C2    H2     sing N N 38  
A   N3    C4     sing Y N 39  
C   OP3   P      sing N N 40  
C   OP3   HOP3   sing N N 41  
C   P     OP1    doub N N 42  
C   P     OP2    sing N N 43  
C   P     "O5'"  sing N N 44  
C   OP2   HOP2   sing N N 45  
C   "O5'" "C5'"  sing N N 46  
C   "C5'" "C4'"  sing N N 47  
C   "C5'" "H5'"  sing N N 48  
C   "C5'" "H5''" sing N N 49  
C   "C4'" "O4'"  sing N N 50  
C   "C4'" "C3'"  sing N N 51  
C   "C4'" "H4'"  sing N N 52  
C   "O4'" "C1'"  sing N N 53  
C   "C3'" "O3'"  sing N N 54  
C   "C3'" "C2'"  sing N N 55  
C   "C3'" "H3'"  sing N N 56  
C   "O3'" "HO3'" sing N N 57  
C   "C2'" "O2'"  sing N N 58  
C   "C2'" "C1'"  sing N N 59  
C   "C2'" "H2'"  sing N N 60  
C   "O2'" "HO2'" sing N N 61  
C   "C1'" N1     sing N N 62  
C   "C1'" "H1'"  sing N N 63  
C   N1    C2     sing N N 64  
C   N1    C6     sing N N 65  
C   C2    O2     doub N N 66  
C   C2    N3     sing N N 67  
C   N3    C4     doub N N 68  
C   C4    N4     sing N N 69  
C   C4    C5     sing N N 70  
C   N4    H41    sing N N 71  
C   N4    H42    sing N N 72  
C   C5    C6     doub N N 73  
C   C5    H5     sing N N 74  
C   C6    H6     sing N N 75  
G   OP3   P      sing N N 76  
G   OP3   HOP3   sing N N 77  
G   P     OP1    doub N N 78  
G   P     OP2    sing N N 79  
G   P     "O5'"  sing N N 80  
G   OP2   HOP2   sing N N 81  
G   "O5'" "C5'"  sing N N 82  
G   "C5'" "C4'"  sing N N 83  
G   "C5'" "H5'"  sing N N 84  
G   "C5'" "H5''" sing N N 85  
G   "C4'" "O4'"  sing N N 86  
G   "C4'" "C3'"  sing N N 87  
G   "C4'" "H4'"  sing N N 88  
G   "O4'" "C1'"  sing N N 89  
G   "C3'" "O3'"  sing N N 90  
G   "C3'" "C2'"  sing N N 91  
G   "C3'" "H3'"  sing N N 92  
G   "O3'" "HO3'" sing N N 93  
G   "C2'" "O2'"  sing N N 94  
G   "C2'" "C1'"  sing N N 95  
G   "C2'" "H2'"  sing N N 96  
G   "O2'" "HO2'" sing N N 97  
G   "C1'" N9     sing N N 98  
G   "C1'" "H1'"  sing N N 99  
G   N9    C8     sing Y N 100 
G   N9    C4     sing Y N 101 
G   C8    N7     doub Y N 102 
G   C8    H8     sing N N 103 
G   N7    C5     sing Y N 104 
G   C5    C6     sing N N 105 
G   C5    C4     doub Y N 106 
G   C6    O6     doub N N 107 
G   C6    N1     sing N N 108 
G   N1    C2     sing N N 109 
G   N1    H1     sing N N 110 
G   C2    N2     sing N N 111 
G   C2    N3     doub N N 112 
G   N2    H21    sing N N 113 
G   N2    H22    sing N N 114 
G   N3    C4     sing N N 115 
HOH O     H1     sing N N 116 
HOH O     H2     sing N N 117 
U   OP3   P      sing N N 118 
U   OP3   HOP3   sing N N 119 
U   P     OP1    doub N N 120 
U   P     OP2    sing N N 121 
U   P     "O5'"  sing N N 122 
U   OP2   HOP2   sing N N 123 
U   "O5'" "C5'"  sing N N 124 
U   "C5'" "C4'"  sing N N 125 
U   "C5'" "H5'"  sing N N 126 
U   "C5'" "H5''" sing N N 127 
U   "C4'" "O4'"  sing N N 128 
U   "C4'" "C3'"  sing N N 129 
U   "C4'" "H4'"  sing N N 130 
U   "O4'" "C1'"  sing N N 131 
U   "C3'" "O3'"  sing N N 132 
U   "C3'" "C2'"  sing N N 133 
U   "C3'" "H3'"  sing N N 134 
U   "O3'" "HO3'" sing N N 135 
U   "C2'" "O2'"  sing N N 136 
U   "C2'" "C1'"  sing N N 137 
U   "C2'" "H2'"  sing N N 138 
U   "O2'" "HO2'" sing N N 139 
U   "C1'" N1     sing N N 140 
U   "C1'" "H1'"  sing N N 141 
U   N1    C2     sing N N 142 
U   N1    C6     sing N N 143 
U   C2    O2     doub N N 144 
U   C2    N3     sing N N 145 
U   N3    C4     sing N N 146 
U   N3    H3     sing N N 147 
U   C4    O4     doub N N 148 
U   C4    C5     sing N N 149 
U   C5    C6     doub N N 150 
U   C5    H5     sing N N 151 
U   C6    H6     sing N N 152 
# 
_ndb_struct_conf_na.entry_id   2VUQ 
_ndb_struct_conf_na.feature    'a-form double helix' 
# 
loop_
_ndb_struct_na_base_pair.model_number 
_ndb_struct_na_base_pair.i_label_asym_id 
_ndb_struct_na_base_pair.i_label_comp_id 
_ndb_struct_na_base_pair.i_label_seq_id 
_ndb_struct_na_base_pair.i_symmetry 
_ndb_struct_na_base_pair.j_label_asym_id 
_ndb_struct_na_base_pair.j_label_comp_id 
_ndb_struct_na_base_pair.j_label_seq_id 
_ndb_struct_na_base_pair.j_symmetry 
_ndb_struct_na_base_pair.shear 
_ndb_struct_na_base_pair.stretch 
_ndb_struct_na_base_pair.stagger 
_ndb_struct_na_base_pair.buckle 
_ndb_struct_na_base_pair.propeller 
_ndb_struct_na_base_pair.opening 
_ndb_struct_na_base_pair.pair_number 
_ndb_struct_na_base_pair.pair_name 
_ndb_struct_na_base_pair.i_auth_asym_id 
_ndb_struct_na_base_pair.i_auth_seq_id 
_ndb_struct_na_base_pair.i_PDB_ins_code 
_ndb_struct_na_base_pair.j_auth_asym_id 
_ndb_struct_na_base_pair.j_auth_seq_id 
_ndb_struct_na_base_pair.j_PDB_ins_code 
_ndb_struct_na_base_pair.hbond_type_28 
_ndb_struct_na_base_pair.hbond_type_12 
1 A G 1 1_555 B C 7 1_555 -0.460 -0.190 0.079  -0.375 -5.453  -0.196 1 A_G1:C72_B A 1 ? B 72 ? 19 1 
1 A C 2 1_555 B G 6 1_555 0.121  -0.119 -0.043 5.618  -10.626 -0.617 2 A_C2:G71_B A 2 ? B 71 ? 19 1 
1 A A 3 1_555 B U 5 1_555 -0.019 -0.099 0.014  0.635  -13.472 1.476  3 A_A3:U70_B A 3 ? B 70 ? 20 1 
1 A U 4 1_555 B A 4 1_555 0.011  -0.087 -0.064 -1.301 -22.517 1.154  4 A_U4:A69_B A 4 ? B 69 ? 20 1 
1 A U 5 1_555 B A 3 1_555 -0.118 -0.089 0.112  -3.970 -10.155 -0.798 5 A_U5:A68_B A 5 ? B 68 ? 20 1 
1 A G 6 1_555 B C 2 1_555 -0.232 -0.178 -0.127 -2.903 -9.016  -2.229 6 A_G6:C67_B A 6 ? B 67 ? 19 1 
1 A G 7 1_555 B C 1 1_555 -0.328 -0.175 -0.106 -1.402 -4.937  1.278  7 A_G7:C66_B A 7 ? B 66 ? 19 1 
# 
loop_
_ndb_struct_na_base_pair_step.model_number 
_ndb_struct_na_base_pair_step.i_label_asym_id_1 
_ndb_struct_na_base_pair_step.i_label_comp_id_1 
_ndb_struct_na_base_pair_step.i_label_seq_id_1 
_ndb_struct_na_base_pair_step.i_symmetry_1 
_ndb_struct_na_base_pair_step.j_label_asym_id_1 
_ndb_struct_na_base_pair_step.j_label_comp_id_1 
_ndb_struct_na_base_pair_step.j_label_seq_id_1 
_ndb_struct_na_base_pair_step.j_symmetry_1 
_ndb_struct_na_base_pair_step.i_label_asym_id_2 
_ndb_struct_na_base_pair_step.i_label_comp_id_2 
_ndb_struct_na_base_pair_step.i_label_seq_id_2 
_ndb_struct_na_base_pair_step.i_symmetry_2 
_ndb_struct_na_base_pair_step.j_label_asym_id_2 
_ndb_struct_na_base_pair_step.j_label_comp_id_2 
_ndb_struct_na_base_pair_step.j_label_seq_id_2 
_ndb_struct_na_base_pair_step.j_symmetry_2 
_ndb_struct_na_base_pair_step.shift 
_ndb_struct_na_base_pair_step.slide 
_ndb_struct_na_base_pair_step.rise 
_ndb_struct_na_base_pair_step.tilt 
_ndb_struct_na_base_pair_step.roll 
_ndb_struct_na_base_pair_step.twist 
_ndb_struct_na_base_pair_step.x_displacement 
_ndb_struct_na_base_pair_step.y_displacement 
_ndb_struct_na_base_pair_step.helical_rise 
_ndb_struct_na_base_pair_step.inclination 
_ndb_struct_na_base_pair_step.tip 
_ndb_struct_na_base_pair_step.helical_twist 
_ndb_struct_na_base_pair_step.step_number 
_ndb_struct_na_base_pair_step.step_name 
_ndb_struct_na_base_pair_step.i_auth_asym_id_1 
_ndb_struct_na_base_pair_step.i_auth_seq_id_1 
_ndb_struct_na_base_pair_step.i_PDB_ins_code_1 
_ndb_struct_na_base_pair_step.j_auth_asym_id_1 
_ndb_struct_na_base_pair_step.j_auth_seq_id_1 
_ndb_struct_na_base_pair_step.j_PDB_ins_code_1 
_ndb_struct_na_base_pair_step.i_auth_asym_id_2 
_ndb_struct_na_base_pair_step.i_auth_seq_id_2 
_ndb_struct_na_base_pair_step.i_PDB_ins_code_2 
_ndb_struct_na_base_pair_step.j_auth_asym_id_2 
_ndb_struct_na_base_pair_step.j_auth_seq_id_2 
_ndb_struct_na_base_pair_step.j_PDB_ins_code_2 
1 A G 1 1_555 B C 7 1_555 A C 2 1_555 B G 6 1_555 -0.219 -1.865 3.151 -0.531 1.964  34.199 -3.459 0.292  3.046 3.336  0.902  
34.257 1 AA_G1C2:G71C72_BB A 1 ? B 72 ? A 2 ? B 71 ? 
1 A C 2 1_555 B G 6 1_555 A A 3 1_555 B U 5 1_555 -0.458 -1.372 3.291 -0.818 12.055 31.398 -4.220 0.667  2.613 21.312 1.446  
33.588 2 AA_C2A3:U70G71_BB A 2 ? B 71 ? A 3 ? B 70 ? 
1 A A 3 1_555 B U 5 1_555 A U 4 1_555 B A 4 1_555 0.184  -1.087 3.313 2.090  9.227  31.627 -3.436 0.020  2.895 16.474 -3.731 
32.977 3 AA_A3U4:A69U70_BB A 3 ? B 70 ? A 4 ? B 69 ? 
1 A U 4 1_555 B A 4 1_555 A U 5 1_555 B A 3 1_555 -0.060 -1.165 3.288 -1.747 6.254  34.333 -2.863 -0.158 3.034 10.478 2.928  
34.923 4 AA_U4U5:A68A69_BB A 4 ? B 69 ? A 5 ? B 68 ? 
1 A U 5 1_555 B A 3 1_555 A G 6 1_555 B C 2 1_555 -0.457 -1.583 3.236 -0.252 6.867  30.426 -4.173 0.805  2.823 12.879 0.473  
31.174 5 AA_U5G6:C67A68_BB A 5 ? B 68 ? A 6 ? B 67 ? 
1 A G 6 1_555 B C 2 1_555 A G 7 1_555 B C 1 1_555 0.737  -1.891 3.327 1.006  7.131  28.696 -5.146 -1.242 2.809 14.109 -1.991 
29.568 6 AA_G6G7:C66C67_BB A 6 ? B 67 ? A 7 ? B 66 ? 
# 
_pdbx_entity_nonpoly.entity_id   3 
_pdbx_entity_nonpoly.name        water 
_pdbx_entity_nonpoly.comp_id     HOH 
# 
_pdbx_initial_refinement_model.id               1 
_pdbx_initial_refinement_model.entity_id_list   ? 
_pdbx_initial_refinement_model.type             'experimental model' 
_pdbx_initial_refinement_model.source_name      PDB 
_pdbx_initial_refinement_model.accession_code   2V7R 
_pdbx_initial_refinement_model.details          'PDB ENTRY 2V7R' 
# 
